data_9R0H
#
_entry.id   9R0H
#
_cell.length_a   230.962
_cell.length_b   93.030
_cell.length_c   54.955
_cell.angle_alpha   90.00
_cell.angle_beta   90.00
_cell.angle_gamma   90.00
#
_symmetry.space_group_name_H-M   'P 21 21 2'
#
loop_
_entity.id
_entity.type
_entity.pdbx_description
1 polymer "5'-nucleotidase"
2 branched 2-acetamido-2-deoxy-beta-D-glucopyranose-(1-4)-2-acetamido-2-deoxy-beta-D-glucopyranose
3 non-polymer 'ZINC ION'
4 non-polymer 'CALCIUM ION'
5 non-polymer '[(2~{S})-2-[[(2~{R},3~{S},4~{R},5~{R})-5-[6-chloranyl-4-(cyclopentylamino)pyrazolo[3,4-d]pyrimidin-1-yl]-3,4-bis(oxidanyl)oxolan-2-yl]methoxy]-1-oxidanyl-3-(1~{H}-1,2,3,4-tetrazol-5-ylmethoxy)propan-2-yl]phosphonic acid'
6 non-polymer 'PHOSPHATE ION'
7 water water
#
_entity_poly.entity_id   1
_entity_poly.type   'polypeptide(L)'
_entity_poly.pdbx_seq_one_letter_code
;LASMWELTILHTNDVHSRLEQTSEDSSKCVDASRCMGGVARLFTKVQQIRRAEPNVLLLDAGDQYQGTIWFTVYKGAEVA
HFMNALRYDAMALGNHEFDNGVEGLIEPLLKEAKFPILSANIKAKGPLASQISGLYLPYKVLPVGDEVVGIVGYTSKETP
FLSNPGTNLVFEDEITALQPEVDKLKTLNVNKIIALGHSGFEMDKLIAQKVRGVDVVVGGHSNTFLYTGNPPSKEVPAGK
YPFIVTSDDGRKVPVVQAYAFGKYLGYLKIEFDERGNVISSHGNPILLNSSIPEDPSIKADINKWRIKLDDYSTQELGKT
IVYLDGSSQSCRFRECNMGNLICDAMINNNLRHTDEMFWNHVSMCILNGGGIRSPIDERNDGTITWENLAAVLPFGGTFD
LVQLKGSTLKKAFEHSVHRYGQSTGEFLQVGGIHVVYDLSRKPGDRVVKLDVLCTKCRVPSYDPLKMDEVYKVILPNFLA
NGGDGFQMIKDELLRHDSGDQDINVVSTYISKMKVIYPAVEGRIKFSHHHHHH
;
_entity_poly.pdbx_strand_id   A,B
#
# COMPACT_ATOMS: atom_id res chain seq x y z
N SER A 3 -42.14 -26.10 47.71
CA SER A 3 -40.84 -26.70 47.25
C SER A 3 -40.18 -25.97 46.07
N MET A 4 -38.86 -25.72 46.20
CA MET A 4 -37.99 -25.28 45.10
C MET A 4 -37.12 -26.44 44.60
N TRP A 5 -36.73 -26.38 43.34
CA TRP A 5 -35.80 -27.35 42.72
C TRP A 5 -34.76 -26.57 41.94
N GLU A 6 -33.48 -26.78 42.25
CA GLU A 6 -32.40 -25.93 41.71
C GLU A 6 -31.65 -26.67 40.61
N LEU A 7 -31.39 -25.97 39.50
CA LEU A 7 -30.70 -26.52 38.32
C LEU A 7 -29.54 -25.62 37.94
N THR A 8 -28.38 -26.20 37.69
CA THR A 8 -27.24 -25.45 37.18
C THR A 8 -27.02 -25.78 35.72
N ILE A 9 -27.12 -24.76 34.86
CA ILE A 9 -26.87 -24.90 33.42
C ILE A 9 -25.46 -24.39 33.15
N LEU A 10 -24.59 -25.30 32.70
CA LEU A 10 -23.30 -24.98 32.18
C LEU A 10 -23.36 -25.04 30.68
N HIS A 11 -22.82 -24.02 30.00
CA HIS A 11 -22.97 -23.97 28.54
C HIS A 11 -21.79 -23.33 27.79
N THR A 12 -21.45 -23.98 26.68
CA THR A 12 -20.51 -23.49 25.67
C THR A 12 -21.23 -23.27 24.33
N ASN A 13 -20.64 -22.44 23.48
CA ASN A 13 -21.13 -22.22 22.12
C ASN A 13 -20.01 -21.68 21.25
N ASP A 14 -20.03 -22.03 19.96
CA ASP A 14 -19.06 -21.51 19.00
C ASP A 14 -17.59 -21.74 19.42
N VAL A 15 -17.34 -22.93 19.95
CA VAL A 15 -16.00 -23.28 20.44
C VAL A 15 -15.00 -23.32 19.26
N HIS A 16 -15.47 -23.75 18.08
CA HIS A 16 -14.74 -23.61 16.82
C HIS A 16 -13.33 -24.19 16.89
N SER A 17 -13.28 -25.45 17.31
CA SER A 17 -12.09 -26.28 17.29
C SER A 17 -10.92 -25.81 18.15
N ARG A 18 -11.19 -24.99 19.17
CA ARG A 18 -10.18 -24.54 20.09
C ARG A 18 -10.11 -25.62 21.20
N LEU A 19 -9.57 -26.80 20.83
CA LEU A 19 -9.42 -27.94 21.75
C LEU A 19 -8.36 -27.62 22.80
N GLU A 20 -7.24 -27.04 22.35
CA GLU A 20 -6.16 -26.58 23.22
C GLU A 20 -6.47 -25.20 23.75
N GLN A 21 -5.80 -24.82 24.83
CA GLN A 21 -5.83 -23.44 25.31
C GLN A 21 -5.26 -22.48 24.25
N THR A 22 -5.69 -21.22 24.33
CA THR A 22 -5.42 -20.21 23.35
C THR A 22 -4.96 -18.95 24.05
N SER A 23 -4.45 -18.01 23.27
CA SER A 23 -4.23 -16.63 23.74
C SER A 23 -5.58 -15.96 24.04
N GLU A 24 -5.53 -14.82 24.73
CA GLU A 24 -6.72 -14.01 25.09
C GLU A 24 -7.71 -13.71 23.92
N ASP A 25 -7.15 -13.50 22.73
CA ASP A 25 -7.92 -13.26 21.48
C ASP A 25 -8.27 -14.53 20.65
N SER A 26 -8.10 -15.72 21.24
N SER A 26 -8.06 -15.70 21.26
CA SER A 26 -8.36 -17.05 20.61
CA SER A 26 -8.30 -17.03 20.70
C SER A 26 -7.35 -17.55 19.60
C SER A 26 -7.36 -17.53 19.60
N SER A 27 -6.29 -16.78 19.33
CA SER A 27 -5.18 -17.22 18.49
C SER A 27 -4.30 -18.22 19.27
N LYS A 28 -3.32 -18.81 18.59
CA LYS A 28 -2.47 -19.86 19.16
C LYS A 28 -1.85 -19.46 20.49
N CYS A 29 -1.80 -20.44 21.40
CA CYS A 29 -1.13 -20.25 22.67
C CYS A 29 0.38 -20.22 22.49
N VAL A 30 1.02 -19.13 22.91
CA VAL A 30 2.48 -19.00 22.85
C VAL A 30 3.05 -18.84 24.26
N ASP A 31 2.58 -17.81 24.97
CA ASP A 31 2.91 -17.61 26.38
C ASP A 31 1.88 -18.35 27.25
N ALA A 32 2.21 -19.60 27.62
CA ALA A 32 1.35 -20.49 28.41
C ALA A 32 0.74 -19.91 29.70
N SER A 33 1.49 -19.08 30.40
CA SER A 33 1.05 -18.44 31.67
C SER A 33 -0.16 -17.49 31.59
N ARG A 34 -0.48 -16.97 30.38
CA ARG A 34 -1.64 -16.09 30.15
C ARG A 34 -2.63 -16.67 29.12
N CYS A 35 -2.54 -17.99 28.86
CA CYS A 35 -3.45 -18.67 27.93
C CYS A 35 -4.76 -19.06 28.63
N MET A 36 -5.77 -19.39 27.82
CA MET A 36 -7.15 -19.52 28.26
C MET A 36 -7.92 -20.56 27.49
N GLY A 37 -8.98 -21.04 28.11
CA GLY A 37 -9.86 -22.03 27.51
C GLY A 37 -9.21 -23.39 27.31
N GLY A 38 -9.62 -24.06 26.25
CA GLY A 38 -9.24 -25.43 25.96
C GLY A 38 -10.10 -26.39 26.76
N VAL A 39 -10.29 -27.60 26.25
CA VAL A 39 -11.14 -28.61 26.91
C VAL A 39 -10.63 -29.12 28.25
N ALA A 40 -9.31 -29.16 28.45
CA ALA A 40 -8.73 -29.67 29.69
C ALA A 40 -9.01 -28.75 30.88
N ARG A 41 -8.90 -27.44 30.64
CA ARG A 41 -9.30 -26.44 31.63
C ARG A 41 -10.80 -26.45 31.87
N LEU A 42 -11.58 -26.54 30.81
CA LEU A 42 -13.03 -26.64 30.91
C LEU A 42 -13.44 -27.80 31.81
N PHE A 43 -12.82 -28.97 31.61
CA PHE A 43 -13.13 -30.19 32.38
C PHE A 43 -12.93 -29.93 33.86
N THR A 44 -11.82 -29.29 34.23
CA THR A 44 -11.57 -28.93 35.63
C THR A 44 -12.70 -28.10 36.21
N LYS A 45 -13.11 -27.05 35.50
CA LYS A 45 -14.12 -26.12 36.03
C LYS A 45 -15.48 -26.78 36.12
N VAL A 46 -15.81 -27.61 35.12
CA VAL A 46 -17.04 -28.41 35.13
C VAL A 46 -17.11 -29.34 36.35
N GLN A 47 -16.03 -30.03 36.65
CA GLN A 47 -15.99 -30.98 37.77
C GLN A 47 -16.16 -30.29 39.12
N GLN A 48 -15.53 -29.12 39.29
CA GLN A 48 -15.69 -28.26 40.49
C GLN A 48 -17.15 -27.89 40.76
N ILE A 49 -17.88 -27.60 39.69
CA ILE A 49 -19.31 -27.27 39.77
C ILE A 49 -20.12 -28.52 40.03
N ARG A 50 -19.88 -29.58 39.28
CA ARG A 50 -20.55 -30.90 39.50
C ARG A 50 -20.40 -31.47 40.92
N ARG A 51 -19.21 -31.36 41.50
CA ARG A 51 -18.99 -31.80 42.88
C ARG A 51 -19.74 -30.93 43.91
N ALA A 52 -20.08 -29.68 43.55
CA ALA A 52 -20.73 -28.70 44.42
C ALA A 52 -22.25 -28.57 44.28
N GLU A 53 -22.80 -28.80 43.07
CA GLU A 53 -24.24 -28.71 42.81
C GLU A 53 -24.81 -30.08 42.44
N PRO A 54 -25.97 -30.48 42.99
CA PRO A 54 -26.54 -31.81 42.66
C PRO A 54 -27.08 -31.95 41.22
N ASN A 55 -27.80 -30.94 40.75
CA ASN A 55 -28.47 -30.94 39.44
C ASN A 55 -27.72 -30.02 38.45
N VAL A 56 -26.90 -30.64 37.59
CA VAL A 56 -26.06 -29.95 36.60
C VAL A 56 -26.30 -30.53 35.20
N LEU A 57 -26.59 -29.66 34.23
CA LEU A 57 -26.53 -29.97 32.79
C LEU A 57 -25.38 -29.20 32.10
N LEU A 58 -24.62 -29.89 31.25
CA LEU A 58 -23.56 -29.29 30.44
C LEU A 58 -24.02 -29.35 28.99
N LEU A 59 -24.34 -28.19 28.42
CA LEU A 59 -24.94 -28.06 27.11
C LEU A 59 -24.03 -27.30 26.14
N ASP A 60 -23.99 -27.74 24.89
CA ASP A 60 -23.34 -27.01 23.79
C ASP A 60 -24.39 -26.50 22.78
N ALA A 61 -24.35 -25.20 22.47
CA ALA A 61 -25.23 -24.56 21.49
C ALA A 61 -24.64 -24.45 20.04
N GLY A 62 -23.69 -25.32 19.67
CA GLY A 62 -23.27 -25.55 18.28
C GLY A 62 -22.02 -24.81 17.82
N ASP A 63 -21.61 -25.08 16.59
CA ASP A 63 -20.38 -24.56 15.97
C ASP A 63 -19.12 -24.99 16.80
N GLN A 64 -19.11 -26.28 17.17
CA GLN A 64 -17.89 -26.96 17.57
C GLN A 64 -16.96 -27.18 16.35
N TYR A 65 -17.55 -27.63 15.24
CA TYR A 65 -16.90 -27.80 13.94
C TYR A 65 -16.28 -26.49 13.46
N GLN A 66 -15.06 -26.64 12.93
CA GLN A 66 -14.33 -25.66 12.09
C GLN A 66 -13.62 -24.60 12.93
N GLY A 67 -12.34 -24.36 12.64
CA GLY A 67 -11.59 -23.23 13.22
C GLY A 67 -10.09 -23.33 13.41
N THR A 68 -9.56 -24.54 13.55
CA THR A 68 -8.10 -24.79 13.69
C THR A 68 -7.74 -26.12 13.01
N ILE A 69 -6.45 -26.40 12.89
CA ILE A 69 -5.95 -27.71 12.36
C ILE A 69 -6.48 -28.99 13.09
N TRP A 70 -6.98 -28.85 14.33
CA TRP A 70 -7.72 -29.96 14.98
C TRP A 70 -8.84 -30.49 14.07
N PHE A 71 -9.66 -29.59 13.57
CA PHE A 71 -10.72 -29.94 12.63
C PHE A 71 -10.23 -30.31 11.23
N THR A 72 -9.17 -29.66 10.75
CA THR A 72 -8.59 -30.01 9.44
C THR A 72 -8.11 -31.47 9.40
N VAL A 73 -7.41 -31.87 10.46
CA VAL A 73 -6.84 -33.22 10.58
C VAL A 73 -7.90 -34.24 10.98
N TYR A 74 -8.60 -34.00 12.09
CA TYR A 74 -9.49 -35.00 12.71
C TYR A 74 -10.98 -34.97 12.30
N LYS A 75 -11.42 -33.89 11.66
CA LYS A 75 -12.70 -33.82 10.91
C LYS A 75 -13.98 -34.08 11.74
N GLY A 76 -13.95 -33.69 13.00
CA GLY A 76 -15.04 -33.93 13.93
C GLY A 76 -14.88 -35.09 14.90
N ALA A 77 -13.98 -36.03 14.62
CA ALA A 77 -13.66 -37.11 15.59
C ALA A 77 -13.10 -36.56 16.92
N GLU A 78 -12.33 -35.48 16.86
CA GLU A 78 -11.93 -34.73 18.08
C GLU A 78 -13.10 -34.16 18.87
N VAL A 79 -14.13 -33.70 18.17
CA VAL A 79 -15.35 -33.17 18.79
C VAL A 79 -16.06 -34.28 19.56
N ALA A 80 -16.36 -35.39 18.89
CA ALA A 80 -16.97 -36.55 19.57
C ALA A 80 -16.15 -36.97 20.81
N HIS A 81 -14.86 -37.20 20.60
CA HIS A 81 -13.97 -37.70 21.65
C HIS A 81 -13.93 -36.82 22.92
N PHE A 82 -13.74 -35.52 22.75
CA PHE A 82 -13.58 -34.64 23.91
C PHE A 82 -14.89 -34.15 24.52
N MET A 83 -15.95 -34.02 23.72
CA MET A 83 -17.27 -33.82 24.27
C MET A 83 -17.73 -35.06 25.08
N ASN A 84 -17.45 -36.26 24.59
CA ASN A 84 -17.68 -37.48 25.37
C ASN A 84 -16.89 -37.54 26.68
N ALA A 85 -15.62 -37.13 26.65
CA ALA A 85 -14.75 -37.10 27.83
C ALA A 85 -15.23 -36.08 28.87
N LEU A 86 -15.72 -34.93 28.40
CA LEU A 86 -16.37 -33.93 29.25
C LEU A 86 -17.77 -34.30 29.73
N ARG A 87 -18.41 -35.31 29.10
CA ARG A 87 -19.76 -35.75 29.44
C ARG A 87 -20.74 -34.60 29.30
N TYR A 88 -20.74 -34.01 28.12
CA TYR A 88 -21.84 -33.14 27.70
C TYR A 88 -23.16 -33.93 27.79
N ASP A 89 -24.22 -33.24 28.20
CA ASP A 89 -25.56 -33.82 28.32
C ASP A 89 -26.35 -33.67 27.03
N ALA A 90 -26.13 -32.57 26.30
CA ALA A 90 -26.76 -32.38 25.00
C ALA A 90 -25.99 -31.36 24.17
N MET A 91 -26.19 -31.41 22.85
CA MET A 91 -25.66 -30.42 21.90
C MET A 91 -26.72 -30.08 20.86
N ALA A 92 -26.84 -28.80 20.52
CA ALA A 92 -27.62 -28.38 19.35
C ALA A 92 -26.70 -28.24 18.13
N LEU A 93 -27.22 -28.59 16.96
CA LEU A 93 -26.50 -28.49 15.71
C LEU A 93 -26.38 -27.03 15.35
N GLY A 94 -25.14 -26.62 15.04
CA GLY A 94 -24.87 -25.32 14.43
C GLY A 94 -24.69 -25.46 12.92
N ASN A 95 -24.62 -24.32 12.25
CA ASN A 95 -24.38 -24.27 10.81
C ASN A 95 -23.07 -24.95 10.39
N HIS A 96 -21.99 -24.76 11.16
CA HIS A 96 -20.68 -25.34 10.80
C HIS A 96 -20.58 -26.86 10.93
N GLU A 97 -21.48 -27.46 11.70
CA GLU A 97 -21.61 -28.94 11.72
C GLU A 97 -21.95 -29.60 10.36
N PHE A 98 -22.44 -28.82 9.39
CA PHE A 98 -22.68 -29.27 7.99
C PHE A 98 -21.59 -28.88 6.98
N ASP A 99 -20.43 -28.41 7.45
CA ASP A 99 -19.34 -27.89 6.56
C ASP A 99 -18.70 -28.97 5.69
N ASN A 100 -18.60 -30.20 6.21
CA ASN A 100 -18.12 -31.36 5.45
C ASN A 100 -19.29 -32.22 4.91
N GLY A 101 -20.43 -31.59 4.61
CA GLY A 101 -21.63 -32.30 4.22
C GLY A 101 -22.32 -33.02 5.35
N VAL A 102 -23.45 -33.67 5.03
CA VAL A 102 -24.19 -34.49 5.99
C VAL A 102 -23.37 -35.75 6.29
N GLU A 103 -22.66 -36.28 5.30
CA GLU A 103 -21.70 -37.38 5.48
C GLU A 103 -20.59 -37.06 6.51
N GLY A 104 -20.06 -35.84 6.47
CA GLY A 104 -19.11 -35.35 7.49
C GLY A 104 -19.71 -35.00 8.85
N LEU A 105 -21.04 -34.92 8.94
CA LEU A 105 -21.77 -34.85 10.22
C LEU A 105 -22.07 -36.23 10.81
N ILE A 106 -22.62 -37.13 9.98
CA ILE A 106 -23.09 -38.45 10.41
C ILE A 106 -21.94 -39.28 10.97
N GLU A 107 -20.95 -39.53 10.13
CA GLU A 107 -19.94 -40.56 10.43
C GLU A 107 -18.96 -40.15 11.54
N PRO A 108 -18.43 -38.91 11.50
CA PRO A 108 -17.60 -38.46 12.63
C PRO A 108 -18.33 -38.21 13.95
N LEU A 109 -19.48 -37.52 13.92
CA LEU A 109 -20.08 -36.94 15.16
C LEU A 109 -21.36 -37.61 15.64
N LEU A 110 -22.36 -37.73 14.77
CA LEU A 110 -23.67 -38.29 15.17
C LEU A 110 -23.58 -39.76 15.63
N LYS A 111 -22.81 -40.57 14.90
CA LYS A 111 -22.55 -41.97 15.26
C LYS A 111 -21.65 -42.20 16.48
N GLU A 112 -20.75 -41.27 16.79
CA GLU A 112 -19.77 -41.43 17.90
C GLU A 112 -20.11 -40.68 19.20
N ALA A 113 -21.02 -39.70 19.15
CA ALA A 113 -21.45 -38.97 20.34
C ALA A 113 -22.26 -39.86 21.30
N LYS A 114 -21.92 -39.79 22.58
CA LYS A 114 -22.63 -40.50 23.67
C LYS A 114 -23.72 -39.64 24.31
N PHE A 115 -23.97 -38.46 23.74
CA PHE A 115 -24.98 -37.52 24.19
C PHE A 115 -25.91 -37.21 23.02
N PRO A 116 -27.19 -36.86 23.30
CA PRO A 116 -28.10 -36.48 22.22
C PRO A 116 -27.68 -35.21 21.49
N ILE A 117 -27.90 -35.22 20.17
CA ILE A 117 -27.65 -34.09 19.30
C ILE A 117 -29.00 -33.62 18.74
N LEU A 118 -29.27 -32.32 18.85
CA LEU A 118 -30.62 -31.79 18.74
C LEU A 118 -30.81 -30.71 17.67
N SER A 119 -31.91 -30.84 16.90
CA SER A 119 -32.49 -29.74 16.14
C SER A 119 -33.91 -30.08 15.71
N ALA A 120 -34.87 -29.26 16.09
CA ALA A 120 -36.31 -29.49 15.80
C ALA A 120 -36.78 -28.89 14.50
N ASN A 121 -36.03 -27.95 13.91
CA ASN A 121 -36.39 -27.32 12.62
C ASN A 121 -35.65 -27.84 11.39
N ILE A 122 -34.88 -28.93 11.52
CA ILE A 122 -34.20 -29.58 10.39
C ILE A 122 -35.02 -30.82 10.01
N LYS A 123 -35.53 -30.86 8.78
CA LYS A 123 -36.35 -32.01 8.26
C LYS A 123 -35.72 -32.69 6.99
N ALA A 124 -35.49 -34.01 7.20
CA ALA A 124 -34.79 -34.84 6.23
C ALA A 124 -35.83 -35.34 5.25
N LYS A 125 -35.43 -35.37 3.97
CA LYS A 125 -36.30 -35.80 2.88
C LYS A 125 -35.57 -36.80 1.99
N GLY A 126 -36.36 -37.65 1.32
CA GLY A 126 -35.84 -38.61 0.37
C GLY A 126 -34.99 -39.72 1.02
N PRO A 127 -33.95 -40.22 0.26
CA PRO A 127 -33.14 -41.32 0.81
C PRO A 127 -32.41 -41.01 2.12
N LEU A 128 -32.09 -39.72 2.36
CA LEU A 128 -31.43 -39.28 3.60
C LEU A 128 -32.27 -39.49 4.86
N ALA A 129 -33.61 -39.45 4.75
CA ALA A 129 -34.53 -39.52 5.91
C ALA A 129 -34.33 -40.75 6.81
N SER A 130 -34.34 -41.94 6.19
CA SER A 130 -34.14 -43.22 6.92
C SER A 130 -32.67 -43.42 7.37
N GLN A 131 -31.73 -42.95 6.55
CA GLN A 131 -30.29 -42.95 6.85
C GLN A 131 -29.88 -42.15 8.09
N ILE A 132 -30.46 -40.96 8.25
CA ILE A 132 -30.22 -40.09 9.42
C ILE A 132 -31.22 -40.25 10.58
N SER A 133 -32.26 -41.09 10.41
CA SER A 133 -33.37 -41.23 11.36
C SER A 133 -32.88 -41.57 12.77
N GLY A 134 -33.23 -40.72 13.73
CA GLY A 134 -32.81 -40.91 15.12
C GLY A 134 -31.36 -40.59 15.46
N LEU A 135 -30.53 -40.20 14.48
CA LEU A 135 -29.13 -39.81 14.74
C LEU A 135 -29.03 -38.40 15.34
N TYR A 136 -30.00 -37.55 14.99
CA TYR A 136 -30.33 -36.35 15.72
C TYR A 136 -31.84 -36.40 16.01
N LEU A 137 -32.27 -35.58 16.96
CA LEU A 137 -33.63 -35.59 17.51
C LEU A 137 -34.13 -34.13 17.59
N PRO A 138 -35.45 -33.90 17.55
CA PRO A 138 -35.99 -32.57 17.83
C PRO A 138 -35.87 -32.12 19.30
N TYR A 139 -36.00 -33.08 20.21
CA TYR A 139 -35.79 -32.84 21.63
C TYR A 139 -35.20 -34.07 22.31
N LYS A 140 -34.72 -33.87 23.52
CA LYS A 140 -34.45 -34.97 24.46
C LYS A 140 -35.01 -34.57 25.82
N VAL A 141 -35.65 -35.53 26.48
CA VAL A 141 -36.09 -35.40 27.87
C VAL A 141 -35.04 -36.08 28.75
N LEU A 142 -34.38 -35.31 29.61
CA LEU A 142 -33.24 -35.79 30.40
C LEU A 142 -33.56 -35.94 31.88
N PRO A 143 -33.34 -37.16 32.45
CA PRO A 143 -33.40 -37.26 33.92
C PRO A 143 -32.28 -36.44 34.59
N VAL A 144 -32.68 -35.64 35.57
CA VAL A 144 -31.76 -34.85 36.37
C VAL A 144 -32.27 -35.08 37.80
N GLY A 145 -31.54 -35.91 38.55
CA GLY A 145 -31.97 -36.34 39.89
C GLY A 145 -33.36 -36.95 39.88
N ASP A 146 -34.27 -36.35 40.65
CA ASP A 146 -35.67 -36.79 40.75
C ASP A 146 -36.62 -36.14 39.74
N GLU A 147 -36.12 -35.22 38.91
CA GLU A 147 -36.94 -34.56 37.90
C GLU A 147 -36.47 -34.95 36.51
N VAL A 148 -37.22 -34.49 35.52
CA VAL A 148 -36.83 -34.47 34.13
C VAL A 148 -36.78 -33.03 33.63
N VAL A 149 -35.92 -32.81 32.62
CA VAL A 149 -35.79 -31.54 31.93
C VAL A 149 -35.88 -31.82 30.42
N GLY A 150 -36.74 -31.09 29.73
CA GLY A 150 -36.87 -31.17 28.29
C GLY A 150 -35.89 -30.21 27.63
N ILE A 151 -35.10 -30.69 26.68
CA ILE A 151 -34.19 -29.83 25.93
C ILE A 151 -34.66 -29.93 24.49
N VAL A 152 -35.08 -28.79 23.92
CA VAL A 152 -35.49 -28.71 22.50
C VAL A 152 -34.44 -27.93 21.67
N GLY A 153 -34.06 -28.50 20.53
CA GLY A 153 -33.01 -27.99 19.67
C GLY A 153 -33.49 -27.07 18.55
N TYR A 154 -32.60 -26.23 18.06
CA TYR A 154 -32.84 -25.46 16.80
C TYR A 154 -31.52 -25.01 16.18
N THR A 155 -31.59 -24.71 14.87
CA THR A 155 -30.44 -24.40 14.04
C THR A 155 -30.80 -23.28 13.06
N SER A 156 -29.85 -22.38 12.82
CA SER A 156 -30.04 -21.20 11.97
C SER A 156 -30.68 -21.58 10.62
N LYS A 157 -31.76 -20.85 10.29
CA LYS A 157 -32.42 -20.90 8.98
C LYS A 157 -31.47 -20.51 7.83
N GLU A 158 -30.41 -19.74 8.14
CA GLU A 158 -29.36 -19.41 7.16
C GLU A 158 -28.33 -20.52 6.88
N THR A 159 -28.42 -21.68 7.52
CA THR A 159 -27.46 -22.80 7.26
C THR A 159 -27.25 -23.20 5.77
N PRO A 160 -28.33 -23.26 4.95
CA PRO A 160 -28.10 -23.52 3.52
C PRO A 160 -27.28 -22.46 2.75
N PHE A 161 -27.18 -21.24 3.28
CA PHE A 161 -26.40 -20.14 2.65
C PHE A 161 -25.00 -19.98 3.26
N LEU A 162 -24.77 -20.60 4.41
CA LEU A 162 -23.47 -20.58 5.10
C LEU A 162 -22.69 -21.88 5.08
N SER A 163 -23.32 -23.01 4.76
CA SER A 163 -22.65 -24.31 4.92
C SER A 163 -23.00 -25.23 3.75
N ASN A 164 -22.74 -26.53 3.90
CA ASN A 164 -23.11 -27.55 2.89
C ASN A 164 -24.06 -28.61 3.42
N PRO A 165 -25.25 -28.21 3.91
CA PRO A 165 -26.21 -29.22 4.36
C PRO A 165 -26.78 -30.14 3.26
N GLY A 166 -26.71 -29.73 1.99
CA GLY A 166 -27.26 -30.52 0.87
C GLY A 166 -28.74 -30.24 0.67
N THR A 167 -29.25 -30.71 -0.48
CA THR A 167 -30.61 -30.41 -0.92
C THR A 167 -31.73 -31.22 -0.24
N ASN A 168 -31.36 -32.35 0.41
CA ASN A 168 -32.30 -33.21 1.13
C ASN A 168 -32.49 -32.90 2.63
N LEU A 169 -31.95 -31.77 3.09
CA LEU A 169 -32.37 -31.19 4.34
C LEU A 169 -33.20 -29.90 3.95
N VAL A 170 -34.22 -29.66 4.85
CA VAL A 170 -35.00 -28.41 4.87
C VAL A 170 -34.83 -27.76 6.26
N PHE A 171 -34.52 -26.46 6.28
CA PHE A 171 -34.42 -25.64 7.47
C PHE A 171 -35.70 -24.79 7.59
N GLU A 172 -36.57 -25.20 8.53
CA GLU A 172 -37.83 -24.51 8.82
C GLU A 172 -37.58 -23.30 9.72
N ASP A 173 -38.59 -22.45 9.81
CA ASP A 173 -38.63 -21.35 10.78
C ASP A 173 -38.59 -21.95 12.20
N GLU A 174 -37.79 -21.31 13.07
CA GLU A 174 -37.49 -21.84 14.40
C GLU A 174 -38.75 -21.83 15.27
N ILE A 175 -39.46 -20.73 15.25
CA ILE A 175 -40.65 -20.53 16.12
C ILE A 175 -41.81 -21.46 15.75
N THR A 176 -42.05 -21.62 14.45
CA THR A 176 -43.05 -22.57 13.92
C THR A 176 -42.69 -24.02 14.25
N ALA A 177 -41.41 -24.36 14.16
CA ALA A 177 -40.94 -25.72 14.49
C ALA A 177 -40.93 -26.01 15.99
N LEU A 178 -40.62 -25.00 16.79
CA LEU A 178 -40.40 -25.21 18.23
C LEU A 178 -41.70 -25.36 19.01
N GLN A 179 -42.68 -24.49 18.75
CA GLN A 179 -43.92 -24.44 19.52
C GLN A 179 -44.67 -25.78 19.60
N PRO A 180 -44.87 -26.50 18.46
CA PRO A 180 -45.50 -27.85 18.56
C PRO A 180 -44.74 -28.87 19.38
N GLU A 181 -43.40 -28.83 19.35
CA GLU A 181 -42.58 -29.73 20.15
C GLU A 181 -42.68 -29.40 21.65
N VAL A 182 -42.64 -28.10 21.97
CA VAL A 182 -42.81 -27.59 23.33
C VAL A 182 -44.20 -27.93 23.91
N ASP A 183 -45.25 -27.70 23.11
CA ASP A 183 -46.64 -28.12 23.46
C ASP A 183 -46.76 -29.63 23.69
N LYS A 184 -46.12 -30.41 22.82
CA LYS A 184 -46.07 -31.88 22.95
C LYS A 184 -45.44 -32.29 24.27
N LEU A 185 -44.31 -31.66 24.59
CA LEU A 185 -43.60 -31.91 25.86
C LEU A 185 -44.45 -31.63 27.10
N LYS A 186 -45.27 -30.57 27.06
CA LYS A 186 -46.24 -30.30 28.14
C LYS A 186 -47.29 -31.42 28.30
N THR A 187 -47.80 -31.95 27.20
CA THR A 187 -48.75 -33.07 27.26
C THR A 187 -48.08 -34.37 27.75
N LEU A 188 -46.77 -34.48 27.54
CA LEU A 188 -45.90 -35.51 28.16
C LEU A 188 -45.44 -35.25 29.61
N ASN A 189 -46.02 -34.23 30.29
CA ASN A 189 -45.68 -33.85 31.68
C ASN A 189 -44.21 -33.50 31.87
N VAL A 190 -43.62 -32.79 30.90
CA VAL A 190 -42.28 -32.21 31.01
C VAL A 190 -42.58 -30.74 31.28
N ASN A 191 -42.48 -30.33 32.56
CA ASN A 191 -42.79 -28.95 33.01
C ASN A 191 -41.58 -27.97 32.99
N LYS A 192 -40.37 -28.48 32.76
CA LYS A 192 -39.14 -27.68 32.62
C LYS A 192 -38.59 -27.84 31.20
N ILE A 193 -38.53 -26.73 30.44
CA ILE A 193 -38.11 -26.74 29.04
C ILE A 193 -37.00 -25.69 28.78
N ILE A 194 -35.87 -26.19 28.31
CA ILE A 194 -34.75 -25.39 27.84
C ILE A 194 -34.76 -25.44 26.32
N ALA A 195 -34.72 -24.28 25.67
CA ALA A 195 -34.52 -24.19 24.22
C ALA A 195 -33.02 -23.99 24.05
N LEU A 196 -32.38 -24.93 23.35
CA LEU A 196 -30.94 -24.93 23.12
C LEU A 196 -30.70 -24.86 21.63
N GLY A 197 -30.06 -23.80 21.14
CA GLY A 197 -29.85 -23.69 19.71
C GLY A 197 -28.96 -22.61 19.16
N HIS A 198 -28.93 -22.56 17.83
CA HIS A 198 -27.85 -21.91 17.09
C HIS A 198 -28.37 -21.05 15.94
N SER A 199 -29.05 -19.98 16.31
CA SER A 199 -29.59 -18.97 15.38
C SER A 199 -29.20 -17.52 15.68
N GLY A 200 -28.48 -17.25 16.78
CA GLY A 200 -28.10 -15.89 17.16
C GLY A 200 -29.03 -15.31 18.21
N PHE A 201 -28.47 -14.32 18.92
CA PHE A 201 -29.09 -13.66 20.11
C PHE A 201 -30.41 -13.03 19.78
N GLU A 202 -30.52 -12.40 18.61
CA GLU A 202 -31.79 -11.80 18.20
C GLU A 202 -32.93 -12.81 18.06
N MET A 203 -32.65 -13.93 17.39
CA MET A 203 -33.61 -15.03 17.30
C MET A 203 -33.82 -15.69 18.66
N ASP A 204 -32.76 -15.85 19.48
CA ASP A 204 -32.90 -16.39 20.84
C ASP A 204 -33.91 -15.58 21.66
N LYS A 205 -33.83 -14.25 21.58
CA LYS A 205 -34.81 -13.36 22.23
C LYS A 205 -36.26 -13.53 21.73
N LEU A 206 -36.41 -13.72 20.42
N LEU A 206 -36.42 -13.71 20.42
CA LEU A 206 -37.72 -13.94 19.80
CA LEU A 206 -37.73 -13.93 19.81
C LEU A 206 -38.35 -15.27 20.20
C LEU A 206 -38.35 -15.28 20.21
N ILE A 207 -37.51 -16.31 20.31
CA ILE A 207 -37.92 -17.62 20.87
C ILE A 207 -38.42 -17.49 22.31
N ALA A 208 -37.63 -16.80 23.14
CA ALA A 208 -38.02 -16.48 24.53
C ALA A 208 -39.36 -15.76 24.58
N GLN A 209 -39.54 -14.79 23.68
CA GLN A 209 -40.77 -14.02 23.63
C GLN A 209 -42.01 -14.78 23.15
N LYS A 210 -41.88 -15.55 22.05
CA LYS A 210 -43.03 -16.08 21.29
C LYS A 210 -43.38 -17.56 21.54
N VAL A 211 -42.40 -18.39 21.86
CA VAL A 211 -42.62 -19.83 22.10
C VAL A 211 -43.07 -20.05 23.57
N ARG A 212 -44.39 -20.13 23.76
CA ARG A 212 -45.02 -20.41 25.07
C ARG A 212 -44.52 -21.72 25.68
N GLY A 213 -44.14 -21.69 26.95
CA GLY A 213 -43.60 -22.85 27.68
C GLY A 213 -42.09 -22.93 27.84
N VAL A 214 -41.34 -22.17 27.05
CA VAL A 214 -39.88 -22.11 27.15
C VAL A 214 -39.49 -21.40 28.44
N ASP A 215 -38.71 -22.09 29.28
CA ASP A 215 -38.27 -21.53 30.55
C ASP A 215 -36.98 -20.76 30.46
N VAL A 216 -36.04 -21.26 29.64
CA VAL A 216 -34.69 -20.72 29.44
C VAL A 216 -34.30 -20.92 27.97
N VAL A 217 -33.54 -19.98 27.40
CA VAL A 217 -32.95 -20.09 26.07
C VAL A 217 -31.42 -20.04 26.20
N VAL A 218 -30.75 -21.07 25.67
CA VAL A 218 -29.29 -21.17 25.64
C VAL A 218 -28.93 -21.15 24.14
N GLY A 219 -28.21 -20.11 23.74
CA GLY A 219 -27.90 -19.82 22.39
C GLY A 219 -26.43 -19.75 21.99
N GLY A 220 -26.25 -19.32 20.75
CA GLY A 220 -24.94 -19.31 20.08
C GLY A 220 -25.04 -18.50 18.80
N HIS A 221 -24.00 -18.60 17.97
CA HIS A 221 -23.97 -18.11 16.56
C HIS A 221 -23.66 -16.63 16.37
N SER A 222 -23.95 -15.78 17.37
CA SER A 222 -23.68 -14.35 17.31
C SER A 222 -22.44 -13.98 18.15
N ASN A 223 -21.76 -14.96 18.78
CA ASN A 223 -20.60 -14.70 19.68
C ASN A 223 -20.92 -13.60 20.74
N THR A 224 -22.11 -13.70 21.33
CA THR A 224 -22.67 -12.66 22.21
C THR A 224 -22.11 -12.84 23.62
N PHE A 225 -21.49 -11.78 24.14
CA PHE A 225 -20.99 -11.77 25.52
C PHE A 225 -22.03 -11.04 26.33
N LEU A 226 -22.55 -11.74 27.33
CA LEU A 226 -23.43 -11.17 28.36
C LEU A 226 -22.71 -11.25 29.70
N TYR A 227 -22.83 -10.21 30.51
CA TYR A 227 -22.21 -10.15 31.83
C TYR A 227 -22.97 -9.24 32.77
N THR A 228 -23.09 -9.64 34.04
CA THR A 228 -23.60 -8.78 35.12
C THR A 228 -22.39 -8.42 36.01
N GLY A 229 -22.06 -7.12 36.07
CA GLY A 229 -20.95 -6.60 36.88
C GLY A 229 -19.80 -6.17 36.00
N ASN A 230 -18.62 -6.10 36.59
CA ASN A 230 -17.41 -5.67 35.88
C ASN A 230 -16.86 -6.83 35.09
N PRO A 231 -16.78 -6.69 33.74
CA PRO A 231 -16.34 -7.83 32.92
C PRO A 231 -14.84 -8.16 33.12
N PRO A 232 -14.47 -9.46 33.06
CA PRO A 232 -13.09 -9.87 33.45
C PRO A 232 -12.01 -9.78 32.36
N SER A 233 -12.39 -9.58 31.09
CA SER A 233 -11.45 -9.51 29.97
C SER A 233 -11.84 -8.39 28.98
N LYS A 234 -11.44 -8.52 27.71
N LYS A 234 -11.44 -8.51 27.71
CA LYS A 234 -11.66 -7.47 26.70
CA LYS A 234 -11.66 -7.46 26.71
C LYS A 234 -13.06 -7.43 26.08
C LYS A 234 -13.07 -7.43 26.07
N GLU A 235 -13.87 -8.48 26.22
CA GLU A 235 -15.18 -8.56 25.53
C GLU A 235 -16.14 -7.60 26.24
N VAL A 236 -16.83 -6.78 25.44
CA VAL A 236 -17.74 -5.76 25.94
C VAL A 236 -19.10 -6.44 25.95
N PRO A 237 -19.82 -6.40 27.09
CA PRO A 237 -21.11 -7.07 27.15
C PRO A 237 -22.19 -6.36 26.36
N ALA A 238 -22.99 -7.14 25.63
CA ALA A 238 -24.17 -6.64 24.89
C ALA A 238 -25.38 -6.44 25.82
N GLY A 239 -25.36 -7.08 26.99
CA GLY A 239 -26.33 -6.85 28.05
C GLY A 239 -25.97 -7.67 29.28
N LYS A 240 -26.93 -7.75 30.20
N LYS A 240 -26.92 -7.76 30.20
CA LYS A 240 -26.78 -8.51 31.44
CA LYS A 240 -26.78 -8.51 31.44
C LYS A 240 -26.83 -10.01 31.19
C LYS A 240 -26.83 -10.01 31.19
N TYR A 241 -26.20 -10.77 32.10
CA TYR A 241 -26.30 -12.24 32.15
C TYR A 241 -27.08 -12.60 33.42
N PRO A 242 -28.21 -13.30 33.33
CA PRO A 242 -28.92 -13.60 32.07
C PRO A 242 -29.58 -12.35 31.49
N PHE A 243 -29.86 -12.38 30.18
CA PHE A 243 -30.68 -11.33 29.54
C PHE A 243 -32.14 -11.74 29.71
N ILE A 244 -32.97 -10.89 30.28
CA ILE A 244 -34.36 -11.22 30.59
C ILE A 244 -35.32 -10.71 29.50
N VAL A 245 -36.01 -11.64 28.84
CA VAL A 245 -37.11 -11.35 27.91
C VAL A 245 -38.43 -11.44 28.67
N THR A 246 -39.31 -10.47 28.45
CA THR A 246 -40.66 -10.51 29.01
C THR A 246 -41.52 -11.15 27.91
N SER A 247 -41.94 -12.39 28.16
CA SER A 247 -42.65 -13.17 27.13
C SER A 247 -44.07 -12.70 26.93
N ASP A 248 -44.62 -13.00 25.75
CA ASP A 248 -46.02 -12.64 25.42
C ASP A 248 -47.05 -13.29 26.33
N ASP A 249 -46.75 -14.50 26.82
CA ASP A 249 -47.59 -15.18 27.84
C ASP A 249 -47.36 -14.72 29.31
N GLY A 250 -46.67 -13.59 29.51
CA GLY A 250 -46.58 -12.92 30.81
C GLY A 250 -45.50 -13.38 31.79
N ARG A 251 -44.44 -14.02 31.27
CA ARG A 251 -43.37 -14.60 32.11
C ARG A 251 -42.00 -13.94 31.83
N LYS A 252 -41.02 -14.22 32.70
CA LYS A 252 -39.63 -13.72 32.55
C LYS A 252 -38.77 -14.89 32.10
N VAL A 253 -38.20 -14.81 30.90
CA VAL A 253 -37.44 -15.91 30.32
C VAL A 253 -36.00 -15.46 30.19
N PRO A 254 -35.06 -16.07 30.96
CA PRO A 254 -33.66 -15.75 30.80
C PRO A 254 -33.05 -16.34 29.53
N VAL A 255 -32.21 -15.53 28.88
CA VAL A 255 -31.54 -15.85 27.65
C VAL A 255 -30.03 -15.74 27.94
N VAL A 256 -29.27 -16.78 27.60
CA VAL A 256 -27.82 -16.83 27.83
C VAL A 256 -27.04 -17.24 26.59
N GLN A 257 -25.83 -16.71 26.51
CA GLN A 257 -24.81 -17.08 25.53
C GLN A 257 -23.46 -16.87 26.22
N ALA A 258 -22.39 -17.47 25.72
CA ALA A 258 -21.09 -17.45 26.41
C ALA A 258 -19.92 -17.12 25.47
N TYR A 259 -20.10 -16.05 24.70
CA TYR A 259 -19.12 -15.55 23.74
C TYR A 259 -18.73 -16.65 22.76
N ALA A 260 -17.50 -17.18 22.82
CA ALA A 260 -16.99 -18.09 21.78
C ALA A 260 -15.67 -18.63 22.18
N PHE A 261 -15.25 -19.66 21.41
CA PHE A 261 -13.88 -20.19 21.41
C PHE A 261 -13.45 -20.89 22.69
N GLY A 262 -14.43 -21.29 23.52
CA GLY A 262 -14.16 -21.92 24.80
C GLY A 262 -13.44 -21.05 25.81
N LYS A 263 -13.50 -19.74 25.65
CA LYS A 263 -12.82 -18.78 26.53
C LYS A 263 -13.51 -18.71 27.90
N TYR A 264 -14.84 -18.82 27.86
CA TYR A 264 -15.72 -18.74 28.99
C TYR A 264 -16.58 -19.99 29.07
N LEU A 265 -16.93 -20.38 30.29
CA LEU A 265 -17.99 -21.36 30.56
C LEU A 265 -19.20 -20.61 31.08
N GLY A 266 -20.29 -20.67 30.34
CA GLY A 266 -21.59 -20.18 30.81
C GLY A 266 -22.04 -20.91 32.06
N TYR A 267 -22.59 -20.17 33.01
CA TYR A 267 -23.01 -20.71 34.31
C TYR A 267 -24.27 -19.98 34.74
N LEU A 268 -25.40 -20.69 34.79
CA LEU A 268 -26.67 -20.10 35.20
C LEU A 268 -27.33 -21.04 36.21
N LYS A 269 -27.57 -20.55 37.43
CA LYS A 269 -28.28 -21.28 38.48
C LYS A 269 -29.75 -20.85 38.41
N ILE A 270 -30.68 -21.80 38.29
CA ILE A 270 -32.12 -21.53 38.17
C ILE A 270 -32.84 -22.15 39.37
N GLU A 271 -33.70 -21.38 40.01
CA GLU A 271 -34.62 -21.87 41.03
C GLU A 271 -35.97 -22.09 40.35
N PHE A 272 -36.43 -23.33 40.28
CA PHE A 272 -37.74 -23.69 39.74
C PHE A 272 -38.73 -23.96 40.89
N ASP A 273 -40.00 -23.59 40.73
CA ASP A 273 -41.09 -24.14 41.58
C ASP A 273 -41.46 -25.58 41.17
N GLU A 274 -42.35 -26.19 41.95
CA GLU A 274 -42.82 -27.56 41.72
C GLU A 274 -43.52 -27.83 40.37
N ARG A 275 -44.07 -26.77 39.78
CA ARG A 275 -44.75 -26.81 38.49
C ARG A 275 -43.84 -26.40 37.32
N GLY A 276 -42.52 -26.29 37.55
CA GLY A 276 -41.54 -26.03 36.53
C GLY A 276 -41.37 -24.60 36.05
N ASN A 277 -41.82 -23.62 36.84
CA ASN A 277 -41.68 -22.19 36.52
C ASN A 277 -40.45 -21.61 37.16
N VAL A 278 -39.78 -20.70 36.46
CA VAL A 278 -38.56 -20.06 36.96
C VAL A 278 -38.97 -19.05 38.04
N ILE A 279 -38.52 -19.28 39.26
CA ILE A 279 -38.68 -18.31 40.36
C ILE A 279 -37.60 -17.24 40.19
N SER A 280 -36.35 -17.69 40.04
CA SER A 280 -35.20 -16.79 39.89
C SER A 280 -34.09 -17.47 39.16
N SER A 281 -33.20 -16.66 38.59
CA SER A 281 -31.95 -17.18 38.08
C SER A 281 -30.84 -16.16 38.21
N HIS A 282 -29.63 -16.66 38.34
CA HIS A 282 -28.46 -15.82 38.40
C HIS A 282 -27.23 -16.59 37.96
N GLY A 283 -26.22 -15.82 37.54
CA GLY A 283 -24.92 -16.38 37.19
C GLY A 283 -24.05 -15.41 36.44
N ASN A 284 -23.14 -15.97 35.66
CA ASN A 284 -22.22 -15.21 34.80
C ASN A 284 -21.37 -16.20 34.03
N PRO A 285 -20.83 -15.82 32.85
CA PRO A 285 -19.80 -16.65 32.22
C PRO A 285 -18.53 -16.62 33.06
N ILE A 286 -17.88 -17.78 33.18
CA ILE A 286 -16.68 -17.93 33.97
C ILE A 286 -15.50 -17.87 33.01
N LEU A 287 -14.55 -16.94 33.25
CA LEU A 287 -13.34 -16.82 32.42
C LEU A 287 -12.43 -18.01 32.71
N LEU A 288 -12.08 -18.77 31.66
CA LEU A 288 -11.23 -19.93 31.79
C LEU A 288 -9.79 -19.49 31.63
N ASN A 289 -9.27 -18.85 32.68
CA ASN A 289 -7.89 -18.33 32.64
C ASN A 289 -6.99 -19.27 33.47
N SER A 290 -5.72 -18.88 33.61
CA SER A 290 -4.66 -19.62 34.31
C SER A 290 -4.92 -20.01 35.76
N SER A 291 -5.80 -19.28 36.44
N SER A 291 -5.80 -19.28 36.44
CA SER A 291 -6.25 -19.63 37.79
CA SER A 291 -6.25 -19.63 37.79
C SER A 291 -7.02 -20.96 37.90
C SER A 291 -7.02 -20.96 37.90
N ILE A 292 -7.51 -21.50 36.77
CA ILE A 292 -8.11 -22.86 36.71
C ILE A 292 -7.08 -23.74 36.02
N PRO A 293 -6.56 -24.79 36.71
CA PRO A 293 -5.57 -25.66 36.06
C PRO A 293 -6.22 -26.58 35.02
N GLU A 294 -5.45 -26.95 34.01
CA GLU A 294 -5.85 -27.96 33.02
C GLU A 294 -5.90 -29.32 33.70
N ASP A 295 -7.02 -30.03 33.58
CA ASP A 295 -7.12 -31.40 34.11
C ASP A 295 -6.01 -32.29 33.54
N PRO A 296 -5.25 -33.00 34.42
CA PRO A 296 -4.14 -33.81 33.89
C PRO A 296 -4.50 -34.91 32.88
N SER A 297 -5.59 -35.64 33.11
CA SER A 297 -6.00 -36.73 32.21
C SER A 297 -6.39 -36.26 30.80
N ILE A 298 -7.14 -35.16 30.74
CA ILE A 298 -7.57 -34.58 29.45
C ILE A 298 -6.35 -34.02 28.73
N LYS A 299 -5.50 -33.30 29.48
CA LYS A 299 -4.28 -32.70 28.94
C LYS A 299 -3.34 -33.75 28.32
N ALA A 300 -3.18 -34.88 29.01
CA ALA A 300 -2.39 -36.01 28.48
C ALA A 300 -2.98 -36.59 27.19
N ASP A 301 -4.31 -36.67 27.15
CA ASP A 301 -5.06 -37.13 25.97
C ASP A 301 -4.94 -36.10 24.81
N ILE A 302 -5.11 -34.82 25.11
CA ILE A 302 -4.91 -33.74 24.12
C ILE A 302 -3.51 -33.79 23.51
N ASN A 303 -2.48 -33.92 24.35
CA ASN A 303 -1.06 -34.00 23.87
C ASN A 303 -0.79 -35.26 23.02
N LYS A 304 -1.51 -36.34 23.31
CA LYS A 304 -1.50 -37.56 22.48
C LYS A 304 -2.06 -37.31 21.07
N TRP A 305 -3.24 -36.71 20.99
CA TRP A 305 -3.82 -36.30 19.70
C TRP A 305 -3.06 -35.16 18.99
N ARG A 306 -2.36 -34.33 19.77
CA ARG A 306 -1.52 -33.22 19.27
C ARG A 306 -0.36 -33.64 18.36
N ILE A 307 0.20 -34.83 18.59
CA ILE A 307 1.40 -35.35 17.89
C ILE A 307 1.23 -35.29 16.36
N LYS A 308 0.08 -35.72 15.86
CA LYS A 308 -0.25 -35.68 14.42
C LYS A 308 -0.28 -34.25 13.84
N LEU A 309 -0.70 -33.28 14.65
CA LEU A 309 -0.79 -31.86 14.22
C LEU A 309 0.52 -31.08 14.09
N ASP A 310 1.58 -31.53 14.76
CA ASP A 310 2.86 -30.77 14.80
C ASP A 310 3.61 -30.57 13.47
N ASP A 311 3.27 -31.35 12.43
CA ASP A 311 3.72 -31.12 11.02
C ASP A 311 3.38 -29.71 10.48
N TYR A 312 2.20 -29.22 10.86
CA TYR A 312 1.69 -27.89 10.48
C TYR A 312 2.38 -26.67 11.14
N SER A 313 3.10 -26.89 12.23
CA SER A 313 3.86 -25.84 12.96
C SER A 313 5.40 -25.98 12.84
N THR A 314 5.90 -26.80 11.91
CA THR A 314 7.34 -27.11 11.82
C THR A 314 8.09 -25.96 11.16
N GLN A 315 7.63 -25.60 9.96
CA GLN A 315 8.25 -24.57 9.14
C GLN A 315 7.68 -23.19 9.47
N GLU A 316 8.56 -22.24 9.80
CA GLU A 316 8.21 -20.81 9.80
C GLU A 316 8.05 -20.36 8.35
N LEU A 317 6.84 -19.96 7.96
CA LEU A 317 6.57 -19.36 6.64
C LEU A 317 7.16 -17.96 6.54
N GLY A 318 6.94 -17.17 7.57
CA GLY A 318 7.58 -15.88 7.72
C GLY A 318 7.27 -15.22 9.05
N LYS A 319 7.31 -13.90 9.06
CA LYS A 319 7.28 -13.08 10.27
C LYS A 319 6.33 -11.91 10.07
N THR A 320 5.50 -11.62 11.06
CA THR A 320 4.84 -10.30 11.19
C THR A 320 5.54 -9.50 12.28
N ILE A 321 5.64 -8.18 12.08
CA ILE A 321 6.13 -7.23 13.11
C ILE A 321 5.02 -6.31 13.63
N VAL A 322 3.78 -6.57 13.23
CA VAL A 322 2.60 -5.85 13.69
C VAL A 322 1.54 -6.89 14.09
N TYR A 323 0.66 -6.52 15.00
CA TYR A 323 -0.56 -7.30 15.28
C TYR A 323 -1.41 -7.42 14.02
N LEU A 324 -1.75 -8.66 13.65
CA LEU A 324 -2.62 -8.94 12.52
C LEU A 324 -4.02 -9.12 13.11
N ASP A 325 -4.78 -8.03 13.08
CA ASP A 325 -6.09 -7.96 13.68
C ASP A 325 -7.09 -8.61 12.71
N GLY A 326 -7.36 -9.88 12.99
CA GLY A 326 -8.35 -10.66 12.31
C GLY A 326 -9.52 -10.99 13.21
N SER A 327 -9.77 -10.16 14.22
CA SER A 327 -10.87 -10.37 15.14
C SER A 327 -12.14 -9.84 14.47
N SER A 328 -13.26 -10.44 14.82
CA SER A 328 -14.57 -10.07 14.26
C SER A 328 -15.02 -8.65 14.63
N GLN A 329 -14.63 -8.18 15.81
CA GLN A 329 -14.96 -6.84 16.29
C GLN A 329 -14.36 -5.73 15.41
N SER A 330 -13.22 -6.02 14.80
CA SER A 330 -12.59 -5.15 13.82
C SER A 330 -13.11 -5.45 12.42
N CYS A 331 -12.91 -6.69 11.98
CA CYS A 331 -13.10 -7.04 10.57
C CYS A 331 -14.53 -7.02 10.03
N ARG A 332 -15.52 -6.99 10.92
CA ARG A 332 -16.94 -6.83 10.54
C ARG A 332 -17.52 -5.42 10.76
N PHE A 333 -16.71 -4.51 11.30
CA PHE A 333 -17.15 -3.13 11.59
C PHE A 333 -16.35 -2.03 10.90
N ARG A 334 -15.12 -2.33 10.50
CA ARG A 334 -14.22 -1.31 9.97
C ARG A 334 -13.06 -1.99 9.26
N GLU A 335 -12.24 -1.17 8.62
CA GLU A 335 -11.03 -1.67 7.96
C GLU A 335 -10.15 -2.32 9.03
N CYS A 336 -9.77 -3.57 8.78
CA CYS A 336 -8.82 -4.30 9.60
C CYS A 336 -7.62 -4.67 8.75
N ASN A 337 -6.45 -4.69 9.37
CA ASN A 337 -5.19 -4.95 8.67
C ASN A 337 -4.99 -6.40 8.18
N MET A 338 -5.61 -7.38 8.83
CA MET A 338 -5.61 -8.77 8.33
C MET A 338 -6.33 -8.88 6.99
N GLY A 339 -7.44 -8.15 6.83
CA GLY A 339 -8.14 -8.06 5.57
C GLY A 339 -7.30 -7.45 4.46
N ASN A 340 -6.60 -6.37 4.78
CA ASN A 340 -5.66 -5.75 3.83
C ASN A 340 -4.57 -6.71 3.40
N LEU A 341 -4.02 -7.49 4.34
CA LEU A 341 -3.02 -8.55 4.03
C LEU A 341 -3.55 -9.59 3.06
N ILE A 342 -4.77 -10.06 3.34
CA ILE A 342 -5.36 -11.13 2.53
C ILE A 342 -5.69 -10.61 1.13
N CYS A 343 -6.28 -9.42 1.05
CA CYS A 343 -6.54 -8.78 -0.26
C CYS A 343 -5.28 -8.49 -1.08
N ASP A 344 -4.24 -8.03 -0.42
CA ASP A 344 -2.94 -7.79 -1.10
C ASP A 344 -2.28 -9.08 -1.56
N ALA A 345 -2.39 -10.15 -0.75
CA ALA A 345 -1.90 -11.48 -1.14
C ALA A 345 -2.67 -12.05 -2.33
N MET A 346 -4.00 -11.91 -2.31
CA MET A 346 -4.88 -12.26 -3.44
C MET A 346 -4.45 -11.60 -4.73
N ILE A 347 -4.32 -10.27 -4.68
CA ILE A 347 -3.86 -9.48 -5.83
C ILE A 347 -2.45 -9.92 -6.27
N ASN A 348 -1.50 -9.96 -5.31
CA ASN A 348 -0.08 -10.27 -5.62
C ASN A 348 0.13 -11.63 -6.26
N ASN A 349 -0.52 -12.66 -5.71
CA ASN A 349 -0.37 -14.04 -6.20
C ASN A 349 -1.03 -14.23 -7.57
N ASN A 350 -2.18 -13.62 -7.82
CA ASN A 350 -2.78 -13.62 -9.17
C ASN A 350 -1.84 -13.07 -10.28
N LEU A 351 -1.06 -12.03 -9.98
CA LEU A 351 -0.05 -11.46 -10.94
C LEU A 351 1.16 -12.38 -11.21
N ARG A 352 1.42 -13.35 -10.33
CA ARG A 352 2.37 -14.47 -10.62
C ARG A 352 2.00 -15.28 -11.88
N HIS A 353 0.70 -15.57 -12.06
CA HIS A 353 0.19 -16.30 -13.25
C HIS A 353 0.29 -15.45 -14.54
N THR A 354 1.50 -15.39 -15.10
CA THR A 354 1.81 -14.61 -16.30
C THR A 354 1.30 -15.22 -17.63
N ASP A 355 1.04 -16.53 -17.66
CA ASP A 355 0.49 -17.21 -18.86
C ASP A 355 -0.96 -16.82 -19.21
N GLU A 356 -1.81 -16.59 -18.19
CA GLU A 356 -3.22 -16.17 -18.37
C GLU A 356 -3.35 -14.63 -18.49
N MET A 357 -3.54 -14.16 -19.72
CA MET A 357 -3.56 -12.72 -20.07
C MET A 357 -4.80 -11.92 -19.58
N PHE A 358 -5.94 -12.57 -19.39
CA PHE A 358 -7.20 -11.85 -19.10
C PHE A 358 -7.28 -11.23 -17.69
N TRP A 359 -6.54 -11.80 -16.73
CA TRP A 359 -6.52 -11.32 -15.34
C TRP A 359 -5.16 -10.76 -14.84
N ASN A 360 -4.20 -10.56 -15.75
CA ASN A 360 -2.80 -10.23 -15.35
C ASN A 360 -2.53 -8.75 -14.93
N HIS A 361 -3.56 -7.89 -14.92
CA HIS A 361 -3.54 -6.56 -14.30
C HIS A 361 -4.61 -6.37 -13.20
N VAL A 362 -5.23 -7.45 -12.72
CA VAL A 362 -6.31 -7.34 -11.71
C VAL A 362 -5.74 -6.64 -10.48
N SER A 363 -6.36 -5.50 -10.14
CA SER A 363 -5.92 -4.66 -9.03
C SER A 363 -6.99 -4.48 -7.93
N MET A 364 -8.16 -5.12 -8.06
CA MET A 364 -9.29 -4.89 -7.16
C MET A 364 -9.63 -6.18 -6.40
N CYS A 365 -9.97 -6.03 -5.11
CA CYS A 365 -10.22 -7.18 -4.24
C CYS A 365 -11.37 -6.88 -3.29
N ILE A 366 -12.27 -7.85 -3.10
CA ILE A 366 -13.23 -7.81 -1.99
C ILE A 366 -13.23 -9.12 -1.22
N LEU A 367 -13.48 -9.02 0.08
CA LEU A 367 -13.34 -10.13 1.01
C LEU A 367 -14.30 -9.92 2.16
N ASN A 368 -15.24 -10.85 2.34
CA ASN A 368 -16.17 -10.79 3.46
C ASN A 368 -15.42 -10.91 4.79
N GLY A 369 -15.63 -9.93 5.66
CA GLY A 369 -15.02 -9.87 6.98
C GLY A 369 -15.26 -11.07 7.86
N GLY A 370 -16.44 -11.67 7.75
CA GLY A 370 -16.79 -12.90 8.43
C GLY A 370 -16.02 -14.14 8.02
N GLY A 371 -15.39 -14.10 6.85
CA GLY A 371 -14.41 -15.13 6.42
C GLY A 371 -13.05 -15.11 7.12
N ILE A 372 -12.71 -14.00 7.78
CA ILE A 372 -11.48 -13.87 8.58
C ILE A 372 -11.82 -14.35 9.99
N ARG A 373 -11.16 -15.41 10.43
CA ARG A 373 -11.56 -16.19 11.62
C ARG A 373 -10.57 -16.21 12.83
N SER A 374 -9.41 -15.57 12.69
CA SER A 374 -8.46 -15.42 13.81
C SER A 374 -7.45 -14.30 13.60
N PRO A 375 -7.05 -13.59 14.68
CA PRO A 375 -5.82 -12.81 14.62
C PRO A 375 -4.56 -13.65 14.59
N ILE A 376 -3.43 -12.97 14.40
CA ILE A 376 -2.08 -13.52 14.61
C ILE A 376 -1.33 -12.50 15.44
N ASP A 377 -0.56 -13.01 16.40
CA ASP A 377 0.14 -12.20 17.38
C ASP A 377 1.56 -11.91 16.87
N GLU A 378 2.01 -10.69 17.12
CA GLU A 378 3.39 -10.22 16.82
C GLU A 378 4.41 -10.38 17.95
N ARG A 379 3.98 -10.48 19.20
CA ARG A 379 4.91 -10.68 20.34
C ARG A 379 5.54 -12.06 20.23
N ASN A 380 6.67 -12.23 20.92
CA ASN A 380 7.50 -13.44 20.84
C ASN A 380 7.95 -13.72 19.37
N ASP A 381 8.52 -12.69 18.74
CA ASP A 381 9.06 -12.73 17.37
C ASP A 381 8.05 -12.94 16.21
N GLY A 382 6.76 -12.78 16.48
CA GLY A 382 5.66 -12.89 15.50
C GLY A 382 5.74 -13.93 14.37
N THR A 383 6.04 -15.16 14.73
CA THR A 383 6.21 -16.26 13.77
C THR A 383 4.84 -16.65 13.18
N ILE A 384 4.84 -16.98 11.89
CA ILE A 384 3.65 -17.37 11.15
C ILE A 384 3.96 -18.73 10.56
N THR A 385 3.23 -19.75 11.03
CA THR A 385 3.25 -21.10 10.51
C THR A 385 1.94 -21.37 9.76
N TRP A 386 1.85 -22.53 9.12
CA TRP A 386 0.59 -22.98 8.51
C TRP A 386 -0.55 -23.08 9.54
N GLU A 387 -0.22 -23.55 10.75
CA GLU A 387 -1.20 -23.64 11.84
C GLU A 387 -1.82 -22.29 12.15
N ASN A 388 -0.98 -21.26 12.23
CA ASN A 388 -1.49 -19.90 12.45
C ASN A 388 -2.45 -19.49 11.32
N LEU A 389 -2.07 -19.77 10.07
CA LEU A 389 -2.90 -19.40 8.91
C LEU A 389 -4.20 -20.18 8.81
N ALA A 390 -4.14 -21.47 9.12
CA ALA A 390 -5.32 -22.35 9.17
C ALA A 390 -6.46 -21.82 10.04
N ALA A 391 -6.13 -21.15 11.16
CA ALA A 391 -7.15 -20.51 12.00
C ALA A 391 -7.72 -19.21 11.45
N VAL A 392 -6.93 -18.50 10.65
CA VAL A 392 -7.39 -17.30 9.96
C VAL A 392 -8.35 -17.69 8.84
N LEU A 393 -7.98 -18.71 8.05
CA LEU A 393 -8.69 -19.11 6.82
C LEU A 393 -8.97 -20.63 6.83
N PRO A 394 -9.96 -21.06 7.62
CA PRO A 394 -10.21 -22.48 7.84
C PRO A 394 -11.07 -23.20 6.80
N PHE A 395 -11.76 -22.45 5.93
CA PHE A 395 -12.87 -22.97 5.11
C PHE A 395 -12.53 -23.69 3.80
N GLY A 396 -11.26 -23.74 3.40
CA GLY A 396 -10.86 -24.50 2.21
C GLY A 396 -11.42 -23.99 0.88
N GLY A 397 -11.75 -22.69 0.80
CA GLY A 397 -12.26 -22.07 -0.42
C GLY A 397 -11.12 -21.62 -1.32
N THR A 398 -11.51 -20.97 -2.42
CA THR A 398 -10.58 -20.44 -3.41
C THR A 398 -10.79 -18.94 -3.56
N PHE A 399 -9.75 -18.26 -4.05
CA PHE A 399 -9.82 -16.84 -4.44
C PHE A 399 -10.04 -16.78 -5.96
N ASP A 400 -11.27 -16.46 -6.33
CA ASP A 400 -11.77 -16.54 -7.69
C ASP A 400 -11.79 -15.17 -8.35
N LEU A 401 -11.88 -15.20 -9.67
CA LEU A 401 -11.85 -14.00 -10.49
C LEU A 401 -13.21 -13.81 -11.11
N VAL A 402 -13.76 -12.60 -10.95
CA VAL A 402 -15.03 -12.21 -11.55
C VAL A 402 -14.90 -10.89 -12.32
N GLN A 403 -15.70 -10.79 -13.38
CA GLN A 403 -15.89 -9.57 -14.13
C GLN A 403 -17.28 -9.09 -13.75
N LEU A 404 -17.36 -7.82 -13.31
CA LEU A 404 -18.59 -7.22 -12.78
C LEU A 404 -18.81 -5.83 -13.35
N LYS A 405 -20.07 -5.46 -13.51
CA LYS A 405 -20.45 -4.07 -13.79
C LYS A 405 -20.23 -3.23 -12.53
N GLY A 406 -19.91 -1.95 -12.74
CA GLY A 406 -19.85 -0.98 -11.65
C GLY A 406 -21.14 -0.85 -10.84
N SER A 407 -22.29 -1.00 -11.52
CA SER A 407 -23.61 -0.98 -10.87
C SER A 407 -23.77 -2.13 -9.88
N THR A 408 -23.36 -3.34 -10.29
CA THR A 408 -23.26 -4.54 -9.42
C THR A 408 -22.34 -4.31 -8.19
N LEU A 409 -21.16 -3.72 -8.43
CA LEU A 409 -20.21 -3.40 -7.36
C LEU A 409 -20.74 -2.37 -6.39
N LYS A 410 -21.38 -1.29 -6.87
CA LYS A 410 -22.00 -0.30 -5.97
C LYS A 410 -23.08 -0.92 -5.08
N LYS A 411 -23.90 -1.81 -5.66
CA LYS A 411 -24.92 -2.54 -4.88
C LYS A 411 -24.32 -3.49 -3.85
N ALA A 412 -23.21 -4.14 -4.18
CA ALA A 412 -22.46 -4.96 -3.21
C ALA A 412 -21.96 -4.12 -2.01
N PHE A 413 -21.42 -2.94 -2.29
CA PHE A 413 -20.98 -2.00 -1.23
C PHE A 413 -22.13 -1.44 -0.39
N GLU A 414 -23.32 -1.29 -0.98
CA GLU A 414 -24.54 -1.02 -0.22
C GLU A 414 -24.99 -2.19 0.68
N HIS A 415 -24.91 -3.41 0.14
CA HIS A 415 -25.22 -4.63 0.89
C HIS A 415 -24.24 -4.89 2.05
N SER A 416 -22.96 -4.56 1.83
CA SER A 416 -21.91 -4.58 2.86
C SER A 416 -22.28 -3.88 4.20
N VAL A 417 -23.06 -2.79 4.14
CA VAL A 417 -23.48 -2.00 5.32
C VAL A 417 -25.02 -1.77 5.43
N HIS A 418 -25.83 -2.64 4.82
CA HIS A 418 -27.30 -2.48 4.80
C HIS A 418 -27.94 -2.69 6.19
N ARG A 419 -27.41 -3.65 6.95
CA ARG A 419 -27.82 -3.95 8.35
C ARG A 419 -26.60 -3.78 9.30
N TYR A 420 -25.82 -2.72 9.09
CA TYR A 420 -24.58 -2.45 9.86
C TYR A 420 -24.90 -2.25 11.37
N GLY A 421 -23.98 -2.69 12.22
CA GLY A 421 -24.15 -2.67 13.69
C GLY A 421 -24.49 -4.03 14.31
N GLN A 422 -24.94 -4.98 13.48
CA GLN A 422 -25.38 -6.31 13.92
C GLN A 422 -24.28 -7.41 13.90
N SER A 423 -23.02 -7.02 13.62
CA SER A 423 -21.85 -7.91 13.65
C SER A 423 -21.92 -9.04 12.62
N THR A 424 -22.56 -8.74 11.50
CA THR A 424 -22.77 -9.70 10.44
C THR A 424 -21.52 -9.75 9.55
N GLY A 425 -21.29 -10.92 8.96
CA GLY A 425 -20.10 -11.23 8.18
C GLY A 425 -19.94 -10.59 6.81
N GLU A 426 -21.01 -10.01 6.27
CA GLU A 426 -21.01 -9.50 4.90
C GLU A 426 -20.22 -8.20 4.70
N PHE A 427 -19.82 -7.52 5.79
CA PHE A 427 -18.97 -6.33 5.72
C PHE A 427 -17.68 -6.66 4.96
N LEU A 428 -17.31 -5.84 3.99
CA LEU A 428 -16.23 -6.13 3.02
C LEU A 428 -14.91 -5.45 3.32
N GLN A 429 -13.84 -6.25 3.39
CA GLN A 429 -12.48 -5.77 3.35
C GLN A 429 -12.13 -5.71 1.87
N VAL A 430 -11.21 -4.80 1.54
CA VAL A 430 -10.95 -4.42 0.17
C VAL A 430 -9.46 -4.26 -0.11
N GLY A 431 -9.16 -4.31 -1.40
CA GLY A 431 -7.89 -3.88 -1.97
C GLY A 431 -8.15 -3.24 -3.33
N GLY A 432 -7.36 -2.21 -3.64
CA GLY A 432 -7.57 -1.38 -4.81
C GLY A 432 -8.90 -0.65 -4.93
N ILE A 433 -9.54 -0.39 -3.79
CA ILE A 433 -10.85 0.27 -3.70
C ILE A 433 -10.74 1.17 -2.46
N HIS A 434 -11.21 2.42 -2.57
CA HIS A 434 -11.38 3.33 -1.44
C HIS A 434 -12.86 3.69 -1.36
N VAL A 435 -13.50 3.25 -0.28
CA VAL A 435 -14.95 3.43 -0.05
C VAL A 435 -15.18 4.33 1.18
N VAL A 436 -16.16 5.23 1.06
CA VAL A 436 -16.62 6.07 2.17
C VAL A 436 -18.12 5.80 2.34
N TYR A 437 -18.52 5.47 3.58
CA TYR A 437 -19.90 5.25 3.95
C TYR A 437 -20.42 6.39 4.84
N ASP A 438 -21.71 6.71 4.71
CA ASP A 438 -22.41 7.64 5.60
C ASP A 438 -23.57 6.85 6.22
N LEU A 439 -23.35 6.29 7.42
CA LEU A 439 -24.34 5.41 8.07
C LEU A 439 -25.66 6.09 8.49
N SER A 440 -25.63 7.42 8.68
CA SER A 440 -26.86 8.23 8.91
C SER A 440 -27.89 8.21 7.75
N ARG A 441 -27.42 7.93 6.53
CA ARG A 441 -28.30 7.73 5.37
C ARG A 441 -29.05 6.38 5.44
N LYS A 442 -30.07 6.24 4.59
CA LYS A 442 -30.94 5.05 4.58
C LYS A 442 -30.24 3.82 3.97
N PRO A 443 -30.61 2.58 4.39
CA PRO A 443 -30.06 1.35 3.77
C PRO A 443 -30.32 1.28 2.26
N GLY A 444 -29.26 0.98 1.50
CA GLY A 444 -29.25 1.08 0.03
C GLY A 444 -28.78 2.41 -0.55
N ASP A 445 -28.44 3.39 0.30
CA ASP A 445 -27.89 4.69 -0.13
C ASP A 445 -26.86 5.29 0.88
N ARG A 446 -26.01 4.41 1.43
CA ARG A 446 -24.95 4.77 2.38
C ARG A 446 -23.57 5.02 1.74
N VAL A 447 -23.31 4.46 0.55
CA VAL A 447 -22.04 4.63 -0.17
C VAL A 447 -22.02 6.04 -0.80
N VAL A 448 -21.32 6.98 -0.15
CA VAL A 448 -21.15 8.38 -0.64
C VAL A 448 -19.90 8.62 -1.52
N LYS A 449 -18.94 7.68 -1.47
CA LYS A 449 -17.74 7.74 -2.30
C LYS A 449 -17.29 6.29 -2.57
N LEU A 450 -16.92 6.03 -3.81
CA LEU A 450 -16.38 4.73 -4.23
C LEU A 450 -15.43 4.95 -5.41
N ASP A 451 -14.14 4.96 -5.10
CA ASP A 451 -13.06 5.11 -6.06
C ASP A 451 -12.30 3.78 -6.18
N VAL A 452 -11.86 3.45 -7.39
CA VAL A 452 -11.21 2.17 -7.69
C VAL A 452 -9.98 2.41 -8.57
N LEU A 453 -9.00 1.52 -8.49
CA LEU A 453 -7.80 1.60 -9.35
C LEU A 453 -8.18 1.39 -10.80
N CYS A 454 -7.75 2.31 -11.66
CA CYS A 454 -8.03 2.28 -13.09
C CYS A 454 -7.30 1.12 -13.77
N THR A 455 -7.83 0.74 -14.93
CA THR A 455 -7.38 -0.44 -15.70
C THR A 455 -6.70 0.02 -16.96
N LYS A 456 -7.43 0.76 -17.80
CA LYS A 456 -6.93 1.32 -19.07
C LYS A 456 -6.23 2.66 -18.79
N CYS A 457 -5.15 2.56 -18.04
CA CYS A 457 -4.29 3.69 -17.65
C CYS A 457 -2.88 3.12 -17.49
N ARG A 458 -1.87 3.93 -17.81
CA ARG A 458 -0.47 3.52 -17.65
C ARG A 458 0.00 3.56 -16.18
N VAL A 459 -0.40 4.63 -15.47
CA VAL A 459 -0.17 4.80 -14.01
C VAL A 459 -1.49 4.55 -13.29
N PRO A 460 -1.55 3.51 -12.43
CA PRO A 460 -2.74 3.30 -11.61
C PRO A 460 -3.00 4.45 -10.64
N SER A 461 -4.23 4.98 -10.69
CA SER A 461 -4.75 5.92 -9.71
C SER A 461 -6.21 5.59 -9.40
N TYR A 462 -6.67 6.10 -8.26
CA TYR A 462 -8.02 5.87 -7.78
C TYR A 462 -8.96 6.90 -8.42
N ASP A 463 -9.89 6.40 -9.25
CA ASP A 463 -10.89 7.21 -9.95
C ASP A 463 -12.28 6.74 -9.53
N PRO A 464 -13.30 7.65 -9.55
CA PRO A 464 -14.67 7.21 -9.25
C PRO A 464 -15.13 6.03 -10.11
N LEU A 465 -15.73 5.06 -9.44
CA LEU A 465 -16.40 3.96 -10.12
C LEU A 465 -17.51 4.53 -10.98
N LYS A 466 -17.59 4.04 -12.22
CA LYS A 466 -18.64 4.39 -13.17
C LYS A 466 -19.61 3.22 -13.21
N MET A 467 -20.90 3.52 -13.16
CA MET A 467 -21.96 2.48 -13.12
C MET A 467 -22.00 1.60 -14.38
N ASP A 468 -21.77 2.22 -15.55
CA ASP A 468 -21.74 1.56 -16.86
C ASP A 468 -20.40 0.93 -17.27
N GLU A 469 -19.32 1.15 -16.53
CA GLU A 469 -18.02 0.46 -16.79
C GLU A 469 -18.02 -0.93 -16.20
N VAL A 470 -17.05 -1.74 -16.65
CA VAL A 470 -16.86 -3.12 -16.22
C VAL A 470 -15.47 -3.25 -15.56
N TYR A 471 -15.43 -4.05 -14.49
CA TYR A 471 -14.30 -4.15 -13.56
C TYR A 471 -13.97 -5.60 -13.30
N LYS A 472 -12.68 -5.91 -13.15
CA LYS A 472 -12.20 -7.25 -12.80
C LYS A 472 -11.79 -7.27 -11.31
N VAL A 473 -12.47 -8.11 -10.51
CA VAL A 473 -12.27 -8.18 -9.04
C VAL A 473 -11.84 -9.60 -8.69
N ILE A 474 -10.90 -9.73 -7.74
CA ILE A 474 -10.56 -11.02 -7.11
C ILE A 474 -11.29 -11.12 -5.75
N LEU A 475 -11.89 -12.27 -5.47
CA LEU A 475 -12.75 -12.44 -4.28
C LEU A 475 -12.91 -13.91 -3.92
N PRO A 476 -13.39 -14.21 -2.69
CA PRO A 476 -13.67 -15.59 -2.33
C PRO A 476 -14.75 -16.21 -3.21
N ASN A 477 -14.61 -17.50 -3.52
CA ASN A 477 -15.66 -18.26 -4.22
C ASN A 477 -17.01 -18.23 -3.52
N PHE A 478 -17.00 -18.15 -2.18
CA PHE A 478 -18.19 -17.95 -1.35
C PHE A 478 -18.99 -16.72 -1.81
N LEU A 479 -18.29 -15.61 -2.03
CA LEU A 479 -18.93 -14.39 -2.55
C LEU A 479 -19.31 -14.47 -4.03
N ALA A 480 -18.46 -15.09 -4.84
CA ALA A 480 -18.75 -15.34 -6.28
C ALA A 480 -20.01 -16.21 -6.46
N ASN A 481 -20.16 -17.23 -5.60
CA ASN A 481 -21.35 -18.12 -5.58
C ASN A 481 -22.58 -17.55 -4.81
N GLY A 482 -22.56 -16.27 -4.44
CA GLY A 482 -23.73 -15.59 -3.87
C GLY A 482 -23.91 -15.73 -2.36
N GLY A 483 -22.84 -16.07 -1.62
CA GLY A 483 -22.87 -16.17 -0.16
C GLY A 483 -23.01 -14.82 0.52
N ASP A 484 -23.41 -14.83 1.81
CA ASP A 484 -23.65 -13.61 2.62
C ASP A 484 -24.68 -12.62 2.01
N GLY A 485 -25.68 -13.18 1.30
CA GLY A 485 -26.70 -12.38 0.63
C GLY A 485 -26.23 -11.53 -0.54
N PHE A 486 -25.05 -11.83 -1.10
CA PHE A 486 -24.49 -11.06 -2.23
C PHE A 486 -25.06 -11.67 -3.53
N GLN A 487 -26.39 -11.60 -3.66
CA GLN A 487 -27.13 -12.22 -4.74
C GLN A 487 -26.85 -11.48 -6.07
N MET A 488 -26.70 -10.14 -6.00
CA MET A 488 -26.28 -9.32 -7.14
C MET A 488 -25.00 -9.82 -7.84
N ILE A 489 -24.03 -10.33 -7.07
CA ILE A 489 -22.78 -10.85 -7.66
C ILE A 489 -23.06 -12.09 -8.50
N LYS A 490 -23.62 -13.13 -7.87
CA LYS A 490 -23.96 -14.39 -8.56
C LYS A 490 -24.80 -14.22 -9.86
N ASP A 491 -25.82 -13.36 -9.79
CA ASP A 491 -26.78 -13.16 -10.89
C ASP A 491 -26.25 -12.22 -11.99
N GLU A 492 -25.54 -11.14 -11.62
CA GLU A 492 -25.08 -10.12 -12.59
C GLU A 492 -23.66 -10.30 -13.13
N LEU A 493 -22.80 -11.13 -12.51
CA LEU A 493 -21.41 -11.32 -12.97
C LEU A 493 -21.33 -11.76 -14.44
N LEU A 494 -20.31 -11.28 -15.15
CA LEU A 494 -20.15 -11.48 -16.62
C LEU A 494 -19.17 -12.61 -16.98
N ARG A 495 -18.16 -12.83 -16.13
CA ARG A 495 -17.26 -14.00 -16.18
C ARG A 495 -16.96 -14.43 -14.75
N HIS A 496 -16.64 -15.72 -14.57
CA HIS A 496 -16.25 -16.28 -13.28
C HIS A 496 -15.29 -17.47 -13.47
N ASP A 497 -14.03 -17.29 -13.08
CA ASP A 497 -12.98 -18.31 -13.15
C ASP A 497 -12.59 -18.77 -11.74
N SER A 498 -12.33 -20.08 -11.59
CA SER A 498 -11.72 -20.63 -10.37
C SER A 498 -10.25 -20.21 -10.31
N GLY A 499 -9.80 -19.83 -9.11
CA GLY A 499 -8.40 -19.51 -8.85
C GLY A 499 -7.82 -20.44 -7.81
N ASP A 500 -6.76 -19.97 -7.16
CA ASP A 500 -5.97 -20.79 -6.23
C ASP A 500 -6.62 -20.94 -4.86
N GLN A 501 -6.15 -21.94 -4.12
CA GLN A 501 -6.66 -22.25 -2.78
C GLN A 501 -6.24 -21.14 -1.81
N ASP A 502 -7.21 -20.65 -1.04
CA ASP A 502 -7.06 -19.46 -0.15
C ASP A 502 -5.83 -19.43 0.76
N ILE A 503 -5.63 -20.52 1.50
CA ILE A 503 -4.50 -20.64 2.44
C ILE A 503 -3.15 -20.70 1.73
N ASN A 504 -3.07 -21.43 0.62
CA ASN A 504 -1.86 -21.48 -0.21
C ASN A 504 -1.44 -20.09 -0.75
N VAL A 505 -2.41 -19.25 -1.13
CA VAL A 505 -2.18 -17.88 -1.61
C VAL A 505 -1.52 -17.01 -0.53
N VAL A 506 -2.07 -17.04 0.69
CA VAL A 506 -1.57 -16.18 1.76
C VAL A 506 -0.18 -16.67 2.24
N SER A 507 0.06 -17.99 2.27
CA SER A 507 1.36 -18.54 2.70
C SER A 507 2.51 -18.25 1.72
N THR A 508 2.22 -18.38 0.42
CA THR A 508 3.12 -18.01 -0.68
C THR A 508 3.54 -16.54 -0.59
N TYR A 509 2.56 -15.66 -0.40
CA TYR A 509 2.79 -14.22 -0.20
C TYR A 509 3.70 -13.92 0.99
N ILE A 510 3.42 -14.55 2.12
CA ILE A 510 4.19 -14.38 3.35
C ILE A 510 5.62 -14.91 3.17
N SER A 511 5.77 -16.05 2.50
CA SER A 511 7.08 -16.63 2.15
C SER A 511 7.92 -15.73 1.25
N LYS A 512 7.27 -15.11 0.27
CA LYS A 512 7.91 -14.17 -0.65
C LYS A 512 8.31 -12.88 0.09
N MET A 513 7.38 -12.32 0.88
CA MET A 513 7.62 -11.05 1.61
C MET A 513 8.58 -11.21 2.77
N LYS A 514 8.59 -12.37 3.43
CA LYS A 514 9.45 -12.68 4.59
C LYS A 514 9.01 -11.95 5.88
N VAL A 515 9.04 -10.62 5.87
CA VAL A 515 8.54 -9.78 6.97
C VAL A 515 7.34 -8.98 6.45
N ILE A 516 6.20 -9.09 7.15
CA ILE A 516 4.99 -8.31 6.84
C ILE A 516 4.65 -7.30 7.94
N TYR A 517 3.95 -6.25 7.53
CA TYR A 517 3.62 -5.09 8.36
C TYR A 517 2.40 -4.34 7.81
N PRO A 518 1.27 -5.05 7.59
CA PRO A 518 0.11 -4.35 7.00
C PRO A 518 -0.48 -3.36 7.98
N ALA A 519 -0.85 -2.21 7.44
CA ALA A 519 -1.43 -1.09 8.19
C ALA A 519 -2.91 -0.92 7.83
N VAL A 520 -3.62 -0.16 8.67
CA VAL A 520 -4.93 0.43 8.36
C VAL A 520 -4.62 1.74 7.65
N GLU A 521 -5.07 1.86 6.40
CA GLU A 521 -4.62 2.91 5.45
C GLU A 521 -5.67 3.93 5.02
N GLY A 522 -6.94 3.73 5.36
CA GLY A 522 -8.06 4.55 4.84
C GLY A 522 -8.76 4.01 3.60
N ARG A 523 -8.65 2.70 3.39
CA ARG A 523 -9.37 2.00 2.32
C ARG A 523 -10.88 2.01 2.58
N ILE A 524 -11.28 1.91 3.86
CA ILE A 524 -12.66 2.07 4.27
C ILE A 524 -12.71 3.20 5.28
N LYS A 525 -13.56 4.20 4.99
CA LYS A 525 -13.84 5.32 5.90
C LYS A 525 -15.34 5.49 6.14
N PHE A 526 -15.66 6.25 7.18
CA PHE A 526 -17.02 6.68 7.51
C PHE A 526 -17.01 8.20 7.67
N SER A 527 -18.01 8.88 7.11
CA SER A 527 -18.12 10.36 7.15
C SER A 527 -18.86 10.85 8.42
N SER B 3 22.63 47.62 -43.68
CA SER B 3 23.27 46.27 -43.62
C SER B 3 23.03 45.55 -42.28
N MET B 4 22.50 44.33 -42.39
CA MET B 4 22.25 43.44 -41.26
C MET B 4 23.22 42.26 -41.32
N TRP B 5 23.51 41.71 -40.15
CA TRP B 5 24.36 40.54 -39.99
C TRP B 5 23.59 39.49 -39.18
N GLU B 6 23.45 38.29 -39.72
CA GLU B 6 22.58 37.26 -39.14
C GLU B 6 23.40 36.19 -38.47
N LEU B 7 23.01 35.81 -37.25
CA LEU B 7 23.66 34.76 -36.48
C LEU B 7 22.65 33.66 -36.13
N THR B 8 23.03 32.41 -36.34
CA THR B 8 22.21 31.25 -35.92
C THR B 8 22.84 30.64 -34.68
N ILE B 9 22.09 30.66 -33.58
CA ILE B 9 22.50 30.03 -32.32
C ILE B 9 21.80 28.68 -32.25
N LEU B 10 22.61 27.63 -32.21
CA LEU B 10 22.18 26.30 -31.91
C LEU B 10 22.57 25.98 -30.49
N HIS B 11 21.65 25.40 -29.71
CA HIS B 11 21.92 25.22 -28.29
C HIS B 11 21.26 23.98 -27.67
N THR B 12 22.06 23.31 -26.82
CA THR B 12 21.64 22.26 -25.93
C THR B 12 21.85 22.66 -24.46
N ASN B 13 21.09 22.02 -23.57
CA ASN B 13 21.26 22.19 -22.11
C ASN B 13 20.71 20.98 -21.37
N ASP B 14 21.31 20.64 -20.24
CA ASP B 14 20.81 19.55 -19.38
C ASP B 14 20.68 18.22 -20.13
N VAL B 15 21.67 17.93 -20.98
CA VAL B 15 21.70 16.69 -21.77
C VAL B 15 21.77 15.47 -20.83
N HIS B 16 22.51 15.59 -19.72
CA HIS B 16 22.51 14.60 -18.64
C HIS B 16 22.79 13.18 -19.13
N SER B 17 23.90 13.07 -19.86
CA SER B 17 24.48 11.80 -20.28
C SER B 17 23.63 10.94 -21.22
N ARG B 18 22.69 11.57 -21.93
CA ARG B 18 21.88 10.87 -22.91
C ARG B 18 22.68 10.87 -24.23
N LEU B 19 23.77 10.09 -24.25
CA LEU B 19 24.66 9.99 -25.41
C LEU B 19 23.97 9.26 -26.54
N GLU B 20 23.32 8.14 -26.18
CA GLU B 20 22.49 7.38 -27.10
C GLU B 20 21.11 7.99 -27.20
N GLN B 21 20.42 7.65 -28.28
CA GLN B 21 18.99 7.97 -28.42
C GLN B 21 18.18 7.30 -27.30
N THR B 22 17.05 7.91 -26.99
CA THR B 22 16.22 7.58 -25.86
C THR B 22 14.80 7.43 -26.33
N SER B 23 13.95 6.92 -25.45
CA SER B 23 12.50 7.00 -25.61
C SER B 23 12.03 8.46 -25.51
N GLU B 24 10.78 8.71 -25.91
CA GLU B 24 10.15 10.06 -25.88
C GLU B 24 10.27 10.82 -24.52
N ASP B 25 10.22 10.07 -23.43
CA ASP B 25 10.36 10.56 -22.06
C ASP B 25 11.81 10.54 -21.49
N SER B 26 12.79 10.31 -22.38
CA SER B 26 14.21 10.27 -22.10
C SER B 26 14.75 9.02 -21.33
N SER B 27 13.88 8.04 -21.08
CA SER B 27 14.27 6.71 -20.61
C SER B 27 14.95 5.89 -21.73
N LYS B 28 15.49 4.72 -21.40
CA LYS B 28 16.22 3.87 -22.37
C LYS B 28 15.44 3.61 -23.66
N CYS B 29 16.18 3.61 -24.78
CA CYS B 29 15.59 3.29 -26.09
C CYS B 29 15.32 1.80 -26.19
N VAL B 30 14.06 1.45 -26.45
CA VAL B 30 13.65 0.03 -26.67
C VAL B 30 13.11 -0.13 -28.10
N ASP B 31 12.07 0.63 -28.42
CA ASP B 31 11.47 0.67 -29.76
C ASP B 31 12.19 1.74 -30.58
N ALA B 32 13.19 1.31 -31.36
CA ALA B 32 14.08 2.22 -32.15
C ALA B 32 13.35 3.19 -33.10
N SER B 33 12.25 2.74 -33.69
CA SER B 33 11.46 3.57 -34.63
C SER B 33 10.76 4.83 -34.05
N ARG B 34 10.63 4.91 -32.71
CA ARG B 34 10.08 6.07 -32.00
C ARG B 34 11.07 6.70 -31.00
N CYS B 35 12.36 6.38 -31.13
CA CYS B 35 13.41 6.95 -30.27
C CYS B 35 13.84 8.33 -30.76
N MET B 36 14.52 9.05 -29.87
CA MET B 36 14.81 10.47 -30.03
C MET B 36 16.13 10.87 -29.42
N GLY B 37 16.68 11.98 -29.90
CA GLY B 37 17.90 12.54 -29.37
C GLY B 37 19.13 11.69 -29.62
N GLY B 38 20.06 11.78 -28.67
CA GLY B 38 21.39 11.21 -28.79
C GLY B 38 22.29 12.07 -29.65
N VAL B 39 23.59 11.98 -29.43
CA VAL B 39 24.57 12.81 -30.15
C VAL B 39 24.67 12.54 -31.66
N ALA B 40 24.41 11.30 -32.10
CA ALA B 40 24.50 10.95 -33.53
C ALA B 40 23.40 11.62 -34.34
N ARG B 41 22.18 11.64 -33.81
CA ARG B 41 21.07 12.39 -34.43
C ARG B 41 21.30 13.90 -34.38
N LEU B 42 21.80 14.39 -33.23
CA LEU B 42 22.10 15.82 -33.08
C LEU B 42 23.09 16.28 -34.16
N PHE B 43 24.15 15.49 -34.37
CA PHE B 43 25.16 15.77 -35.37
C PHE B 43 24.54 15.94 -36.75
N THR B 44 23.63 15.05 -37.13
CA THR B 44 22.94 15.16 -38.42
C THR B 44 22.23 16.50 -38.58
N LYS B 45 21.47 16.89 -37.56
CA LYS B 45 20.69 18.13 -37.62
C LYS B 45 21.58 19.38 -37.63
N VAL B 46 22.66 19.34 -36.85
CA VAL B 46 23.66 20.43 -36.80
C VAL B 46 24.30 20.65 -38.15
N GLN B 47 24.69 19.58 -38.84
CA GLN B 47 25.31 19.71 -40.15
C GLN B 47 24.37 20.29 -41.18
N GLN B 48 23.10 19.87 -41.19
CA GLN B 48 22.03 20.45 -42.07
C GLN B 48 21.91 21.97 -41.92
N ILE B 49 22.00 22.48 -40.69
CA ILE B 49 21.92 23.91 -40.40
C ILE B 49 23.20 24.60 -40.81
N ARG B 50 24.35 24.07 -40.37
CA ARG B 50 25.68 24.60 -40.73
C ARG B 50 25.95 24.71 -42.23
N ARG B 51 25.52 23.70 -43.01
CA ARG B 51 25.66 23.75 -44.47
C ARG B 51 24.81 24.88 -45.11
N ALA B 52 23.73 25.30 -44.44
CA ALA B 52 22.75 26.28 -44.94
C ALA B 52 22.94 27.71 -44.44
N GLU B 53 23.51 27.91 -43.24
CA GLU B 53 23.74 29.25 -42.67
C GLU B 53 25.24 29.53 -42.57
N PRO B 54 25.71 30.73 -42.97
CA PRO B 54 27.15 31.06 -42.81
C PRO B 54 27.63 31.25 -41.35
N ASN B 55 26.83 31.94 -40.54
CA ASN B 55 27.21 32.28 -39.15
C ASN B 55 26.46 31.42 -38.12
N VAL B 56 27.10 30.33 -37.68
CA VAL B 56 26.49 29.32 -36.80
C VAL B 56 27.40 29.10 -35.59
N LEU B 57 26.82 29.27 -34.40
CA LEU B 57 27.43 28.85 -33.13
C LEU B 57 26.62 27.72 -32.48
N LEU B 58 27.30 26.69 -31.99
CA LEU B 58 26.71 25.58 -31.26
C LEU B 58 27.17 25.71 -29.80
N LEU B 59 26.23 26.01 -28.92
CA LEU B 59 26.48 26.30 -27.52
C LEU B 59 25.82 25.26 -26.60
N ASP B 60 26.51 24.88 -25.50
CA ASP B 60 25.92 24.07 -24.44
C ASP B 60 25.83 24.87 -23.15
N ALA B 61 24.64 24.94 -22.55
CA ALA B 61 24.39 25.65 -21.27
C ALA B 61 24.49 24.79 -19.99
N GLY B 62 25.25 23.68 -20.04
CA GLY B 62 25.69 22.92 -18.88
C GLY B 62 24.85 21.70 -18.55
N ASP B 63 25.27 21.00 -17.51
CA ASP B 63 24.67 19.74 -17.06
C ASP B 63 24.70 18.66 -18.19
N GLN B 64 25.86 18.54 -18.83
CA GLN B 64 26.19 17.32 -19.61
C GLN B 64 26.45 16.14 -18.68
N TYR B 65 27.22 16.40 -17.62
CA TYR B 65 27.53 15.44 -16.55
C TYR B 65 26.27 14.87 -15.89
N GLN B 66 26.29 13.57 -15.67
CA GLN B 66 25.39 12.79 -14.79
C GLN B 66 24.06 12.46 -15.44
N GLY B 67 23.65 11.18 -15.37
CA GLY B 67 22.30 10.77 -15.77
C GLY B 67 22.08 9.35 -16.27
N THR B 68 23.12 8.72 -16.81
CA THR B 68 23.09 7.33 -17.28
C THR B 68 24.43 6.66 -17.01
N ILE B 69 24.48 5.34 -17.21
CA ILE B 69 25.73 4.56 -17.12
C ILE B 69 26.91 5.04 -17.99
N TRP B 70 26.65 5.81 -19.05
CA TRP B 70 27.70 6.51 -19.80
C TRP B 70 28.63 7.30 -18.87
N PHE B 71 28.03 8.13 -18.00
CA PHE B 71 28.78 8.91 -17.03
C PHE B 71 29.34 8.07 -15.87
N THR B 72 28.60 7.05 -15.42
CA THR B 72 29.12 6.12 -14.41
C THR B 72 30.44 5.45 -14.84
N VAL B 73 30.47 4.97 -16.07
CA VAL B 73 31.63 4.27 -16.63
C VAL B 73 32.74 5.26 -17.05
N TYR B 74 32.40 6.23 -17.91
CA TYR B 74 33.39 7.08 -18.58
C TYR B 74 33.69 8.44 -17.91
N LYS B 75 32.84 8.88 -16.98
CA LYS B 75 33.17 9.95 -16.01
C LYS B 75 33.49 11.34 -16.63
N GLY B 76 32.85 11.63 -17.76
CA GLY B 76 33.07 12.86 -18.51
C GLY B 76 33.97 12.75 -19.73
N ALA B 77 34.76 11.68 -19.86
CA ALA B 77 35.51 11.42 -21.08
C ALA B 77 34.62 11.28 -22.33
N GLU B 78 33.45 10.67 -22.16
CA GLU B 78 32.41 10.65 -23.21
C GLU B 78 31.89 12.04 -23.58
N VAL B 79 31.79 12.93 -22.61
CA VAL B 79 31.33 14.31 -22.83
C VAL B 79 32.37 15.04 -23.70
N ALA B 80 33.63 15.05 -23.27
CA ALA B 80 34.71 15.64 -24.06
C ALA B 80 34.74 15.06 -25.49
N HIS B 81 34.77 13.74 -25.60
CA HIS B 81 34.93 13.07 -26.91
C HIS B 81 33.80 13.44 -27.92
N PHE B 82 32.54 13.37 -27.48
CA PHE B 82 31.41 13.59 -28.39
C PHE B 82 31.03 15.05 -28.58
N MET B 83 31.25 15.91 -27.57
CA MET B 83 31.19 17.35 -27.80
C MET B 83 32.28 17.80 -28.79
N ASN B 84 33.50 17.25 -28.67
CA ASN B 84 34.56 17.51 -29.65
C ASN B 84 34.18 17.06 -31.07
N ALA B 85 33.57 15.87 -31.20
CA ALA B 85 33.11 15.34 -32.49
C ALA B 85 31.99 16.20 -33.12
N LEU B 86 31.08 16.70 -32.28
CA LEU B 86 30.06 17.68 -32.71
C LEU B 86 30.58 19.08 -32.97
N ARG B 87 31.79 19.39 -32.49
CA ARG B 87 32.43 20.68 -32.64
C ARG B 87 31.57 21.78 -32.04
N TYR B 88 31.21 21.59 -30.77
CA TYR B 88 30.66 22.69 -29.94
C TYR B 88 31.64 23.87 -29.97
N ASP B 89 31.10 25.09 -30.03
CA ASP B 89 31.90 26.33 -30.06
C ASP B 89 32.21 26.82 -28.65
N ALA B 90 31.27 26.61 -27.72
CA ALA B 90 31.50 26.87 -26.32
C ALA B 90 30.51 26.10 -25.43
N MET B 91 30.89 25.91 -24.17
CA MET B 91 30.01 25.38 -23.11
C MET B 91 30.11 26.23 -21.83
N ALA B 92 29.00 26.42 -21.13
CA ALA B 92 29.03 26.97 -19.77
C ALA B 92 28.99 25.82 -18.75
N LEU B 93 29.74 25.97 -17.65
CA LEU B 93 29.74 24.98 -16.55
C LEU B 93 28.37 24.98 -15.86
N GLY B 94 27.79 23.80 -15.69
CA GLY B 94 26.62 23.59 -14.84
C GLY B 94 27.03 23.04 -13.49
N ASN B 95 26.04 22.95 -12.61
CA ASN B 95 26.25 22.40 -11.27
C ASN B 95 26.74 20.94 -11.29
N HIS B 96 26.22 20.11 -12.20
CA HIS B 96 26.60 18.68 -12.24
C HIS B 96 27.99 18.41 -12.75
N GLU B 97 28.58 19.38 -13.47
CA GLU B 97 30.00 19.31 -13.83
C GLU B 97 30.99 19.22 -12.64
N PHE B 98 30.54 19.57 -11.43
CA PHE B 98 31.30 19.40 -10.18
C PHE B 98 30.95 18.17 -9.34
N ASP B 99 30.17 17.22 -9.89
CA ASP B 99 29.68 16.04 -9.13
C ASP B 99 30.80 15.08 -8.66
N ASN B 100 31.83 14.94 -9.47
CA ASN B 100 33.01 14.15 -9.17
C ASN B 100 34.18 15.03 -8.67
N GLY B 101 33.87 16.15 -8.02
CA GLY B 101 34.90 17.10 -7.58
C GLY B 101 35.53 17.91 -8.69
N VAL B 102 36.44 18.79 -8.32
CA VAL B 102 37.14 19.63 -9.31
C VAL B 102 38.11 18.74 -10.11
N GLU B 103 38.71 17.72 -9.46
CA GLU B 103 39.52 16.72 -10.19
C GLU B 103 38.73 15.93 -11.24
N GLY B 104 37.47 15.60 -10.96
CA GLY B 104 36.54 15.03 -11.94
C GLY B 104 36.05 15.96 -13.04
N LEU B 105 36.24 17.27 -12.86
CA LEU B 105 36.03 18.28 -13.92
C LEU B 105 37.30 18.48 -14.74
N ILE B 106 38.45 18.69 -14.08
CA ILE B 106 39.71 19.08 -14.72
C ILE B 106 40.19 18.01 -15.69
N GLU B 107 40.45 16.82 -15.14
CA GLU B 107 41.16 15.76 -15.89
C GLU B 107 40.33 15.17 -17.04
N PRO B 108 39.04 14.82 -16.79
CA PRO B 108 38.22 14.34 -17.91
C PRO B 108 37.83 15.38 -18.96
N LEU B 109 37.39 16.57 -18.53
CA LEU B 109 36.68 17.51 -19.42
C LEU B 109 37.46 18.76 -19.78
N LEU B 110 37.94 19.51 -18.79
CA LEU B 110 38.64 20.78 -19.06
C LEU B 110 39.91 20.63 -19.88
N LYS B 111 40.73 19.63 -19.53
CA LYS B 111 41.95 19.29 -20.26
C LYS B 111 41.73 18.65 -21.65
N GLU B 112 40.58 18.00 -21.90
CA GLU B 112 40.33 17.27 -23.17
C GLU B 112 39.35 17.94 -24.13
N ALA B 113 38.61 18.94 -23.69
CA ALA B 113 37.74 19.73 -24.56
C ALA B 113 38.56 20.60 -25.52
N LYS B 114 38.17 20.62 -26.80
CA LYS B 114 38.79 21.46 -27.84
C LYS B 114 38.07 22.81 -28.00
N PHE B 115 37.11 23.08 -27.12
CA PHE B 115 36.28 24.27 -27.16
C PHE B 115 36.37 24.96 -25.79
N PRO B 116 36.19 26.30 -25.74
CA PRO B 116 36.22 26.99 -24.44
C PRO B 116 35.09 26.58 -23.51
N ILE B 117 35.41 26.45 -22.22
CA ILE B 117 34.44 26.19 -21.17
C ILE B 117 34.38 27.41 -20.27
N LEU B 118 33.17 27.89 -19.98
CA LEU B 118 32.93 29.23 -19.48
C LEU B 118 32.19 29.32 -18.15
N SER B 119 32.69 30.17 -17.25
CA SER B 119 31.91 30.68 -16.12
C SER B 119 32.60 31.90 -15.53
N ALA B 120 31.90 33.03 -15.51
CA ALA B 120 32.44 34.31 -15.02
C ALA B 120 32.19 34.56 -13.55
N ASN B 121 31.30 33.77 -12.91
CA ASN B 121 31.05 33.90 -11.46
C ASN B 121 31.70 32.83 -10.57
N ILE B 122 32.55 31.95 -11.14
CA ILE B 122 33.30 30.95 -10.36
C ILE B 122 34.71 31.49 -10.19
N LYS B 123 35.13 31.72 -8.94
CA LYS B 123 36.50 32.20 -8.61
C LYS B 123 37.31 31.25 -7.67
N ALA B 124 38.50 30.88 -8.23
CA ALA B 124 39.35 29.86 -7.64
C ALA B 124 40.28 30.55 -6.68
N LYS B 125 40.52 29.92 -5.53
CA LYS B 125 41.34 30.48 -4.45
C LYS B 125 42.33 29.44 -3.95
N GLY B 126 43.45 29.91 -3.39
CA GLY B 126 44.50 29.03 -2.86
C GLY B 126 45.20 28.22 -3.98
N PRO B 127 45.67 26.97 -3.61
CA PRO B 127 46.48 26.19 -4.59
C PRO B 127 45.75 25.82 -5.90
N LEU B 128 44.42 25.74 -5.85
CA LEU B 128 43.61 25.48 -7.01
C LEU B 128 43.68 26.57 -8.10
N ALA B 129 43.92 27.83 -7.71
CA ALA B 129 43.89 28.97 -8.66
C ALA B 129 44.85 28.83 -9.85
N SER B 130 46.12 28.55 -9.55
CA SER B 130 47.17 28.35 -10.56
C SER B 130 47.02 27.03 -11.34
N GLN B 131 46.54 25.98 -10.66
CA GLN B 131 46.24 24.67 -11.29
C GLN B 131 45.14 24.73 -12.35
N ILE B 132 44.05 25.44 -12.05
CA ILE B 132 42.89 25.58 -12.97
C ILE B 132 42.97 26.81 -13.94
N SER B 133 44.00 27.65 -13.78
CA SER B 133 44.15 28.93 -14.49
C SER B 133 44.06 28.75 -16.01
N GLY B 134 43.09 29.42 -16.62
CA GLY B 134 42.87 29.31 -18.05
C GLY B 134 42.17 28.06 -18.56
N LEU B 135 41.92 27.06 -17.70
CA LEU B 135 41.20 25.82 -18.11
C LEU B 135 39.71 26.02 -18.24
N TYR B 136 39.17 26.98 -17.49
CA TYR B 136 37.92 27.64 -17.80
C TYR B 136 38.17 29.15 -17.80
N LEU B 137 37.28 29.89 -18.46
CA LEU B 137 37.40 31.32 -18.69
C LEU B 137 36.08 32.01 -18.33
N PRO B 138 36.12 33.30 -17.93
CA PRO B 138 34.86 34.06 -17.75
C PRO B 138 34.12 34.38 -19.05
N TYR B 139 34.88 34.61 -20.12
CA TYR B 139 34.35 34.80 -21.45
C TYR B 139 35.26 34.18 -22.52
N LYS B 140 34.73 34.05 -23.72
CA LYS B 140 35.51 33.87 -24.93
C LYS B 140 34.93 34.79 -26.00
N VAL B 141 35.82 35.45 -26.75
CA VAL B 141 35.46 36.20 -27.95
C VAL B 141 35.73 35.29 -29.15
N LEU B 142 34.67 34.96 -29.89
CA LEU B 142 34.73 34.00 -31.02
C LEU B 142 34.62 34.70 -32.37
N PRO B 143 35.59 34.44 -33.29
CA PRO B 143 35.34 34.88 -34.67
C PRO B 143 34.19 34.08 -35.31
N VAL B 144 33.26 34.81 -35.93
CA VAL B 144 32.13 34.25 -36.65
C VAL B 144 32.08 35.05 -37.94
N GLY B 145 32.44 34.41 -39.04
CA GLY B 145 32.67 35.09 -40.31
C GLY B 145 33.67 36.22 -40.19
N ASP B 146 33.24 37.41 -40.60
CA ASP B 146 34.04 38.63 -40.52
C ASP B 146 33.73 39.49 -39.28
N GLU B 147 32.94 38.98 -38.33
CA GLU B 147 32.67 39.63 -37.06
C GLU B 147 33.28 38.81 -35.93
N VAL B 148 33.17 39.36 -34.71
CA VAL B 148 33.37 38.62 -33.47
C VAL B 148 32.10 38.66 -32.62
N VAL B 149 31.94 37.63 -31.77
CA VAL B 149 30.85 37.51 -30.83
C VAL B 149 31.47 37.14 -29.47
N GLY B 150 31.12 37.89 -28.44
CA GLY B 150 31.54 37.60 -27.08
C GLY B 150 30.55 36.66 -26.43
N ILE B 151 31.05 35.62 -25.77
CA ILE B 151 30.22 34.69 -25.03
C ILE B 151 30.70 34.78 -23.62
N VAL B 152 29.81 35.16 -22.71
CA VAL B 152 30.11 35.26 -21.27
C VAL B 152 29.32 34.18 -20.50
N GLY B 153 30.04 33.45 -19.66
CA GLY B 153 29.52 32.29 -18.94
C GLY B 153 29.01 32.59 -17.53
N TYR B 154 28.14 31.72 -17.02
CA TYR B 154 27.71 31.75 -15.61
C TYR B 154 27.15 30.39 -15.14
N THR B 155 27.19 30.20 -13.82
CA THR B 155 26.86 28.94 -13.17
C THR B 155 26.07 29.20 -11.87
N SER B 156 25.09 28.35 -11.60
CA SER B 156 24.19 28.49 -10.44
C SER B 156 24.95 28.75 -9.14
N LYS B 157 24.52 29.80 -8.42
CA LYS B 157 24.90 30.08 -7.03
C LYS B 157 24.62 28.91 -6.07
N GLU B 158 23.64 28.08 -6.42
CA GLU B 158 23.29 26.87 -5.66
C GLU B 158 24.22 25.66 -5.85
N THR B 159 25.21 25.74 -6.74
CA THR B 159 26.17 24.63 -6.95
C THR B 159 26.82 24.02 -5.66
N PRO B 160 27.27 24.85 -4.70
CA PRO B 160 27.79 24.25 -3.44
C PRO B 160 26.79 23.43 -2.61
N PHE B 161 25.48 23.67 -2.78
CA PHE B 161 24.40 22.96 -2.04
C PHE B 161 23.80 21.80 -2.85
N LEU B 162 24.21 21.66 -4.12
CA LEU B 162 23.77 20.58 -5.02
C LEU B 162 24.88 19.66 -5.54
N SER B 163 26.14 20.05 -5.43
CA SER B 163 27.24 19.28 -6.04
C SER B 163 28.45 19.24 -5.10
N ASN B 164 29.61 18.83 -5.61
CA ASN B 164 30.87 18.79 -4.83
C ASN B 164 31.98 19.69 -5.41
N PRO B 165 31.73 21.01 -5.55
CA PRO B 165 32.78 21.88 -6.08
C PRO B 165 34.02 22.05 -5.16
N GLY B 166 33.89 21.77 -3.86
CA GLY B 166 34.99 21.94 -2.90
C GLY B 166 35.07 23.36 -2.36
N THR B 167 35.88 23.52 -1.31
CA THR B 167 35.95 24.78 -0.56
C THR B 167 36.84 25.88 -1.17
N ASN B 168 37.62 25.54 -2.21
CA ASN B 168 38.48 26.52 -2.95
C ASN B 168 37.80 27.20 -4.15
N LEU B 169 36.50 26.96 -4.37
CA LEU B 169 35.75 27.70 -5.35
C LEU B 169 34.77 28.56 -4.47
N VAL B 170 34.61 29.81 -5.02
CA VAL B 170 33.53 30.72 -4.64
C VAL B 170 32.60 30.93 -5.86
N PHE B 171 31.29 30.78 -5.62
CA PHE B 171 30.22 31.03 -6.59
C PHE B 171 29.61 32.41 -6.23
N GLU B 172 29.94 33.43 -7.05
CA GLU B 172 29.44 34.80 -6.87
C GLU B 172 28.03 34.93 -7.45
N ASP B 173 27.38 36.04 -7.12
CA ASP B 173 26.13 36.48 -7.75
C ASP B 173 26.37 36.67 -9.28
N GLU B 174 25.40 36.22 -10.08
CA GLU B 174 25.54 36.16 -11.55
C GLU B 174 25.62 37.57 -12.13
N ILE B 175 24.71 38.43 -11.69
CA ILE B 175 24.58 39.80 -12.19
C ILE B 175 25.79 40.67 -11.84
N THR B 176 26.28 40.54 -10.61
CA THR B 176 27.46 41.26 -10.14
C THR B 176 28.72 40.80 -10.86
N ALA B 177 28.84 39.49 -11.12
CA ALA B 177 30.02 38.93 -11.78
C ALA B 177 30.01 39.19 -13.28
N LEU B 178 28.82 39.17 -13.90
CA LEU B 178 28.69 39.35 -15.35
C LEU B 178 28.95 40.78 -15.82
N GLN B 179 28.43 41.77 -15.09
CA GLN B 179 28.43 43.18 -15.56
C GLN B 179 29.83 43.74 -15.87
N PRO B 180 30.82 43.54 -14.98
CA PRO B 180 32.19 43.99 -15.31
C PRO B 180 32.83 43.32 -16.54
N GLU B 181 32.52 42.04 -16.77
CA GLU B 181 33.02 41.32 -17.93
C GLU B 181 32.37 41.83 -19.23
N VAL B 182 31.05 42.03 -19.18
CA VAL B 182 30.29 42.59 -20.30
C VAL B 182 30.73 44.03 -20.64
N ASP B 183 30.91 44.86 -19.62
CA ASP B 183 31.49 46.22 -19.78
C ASP B 183 32.90 46.18 -20.38
N LYS B 184 33.74 45.25 -19.89
CA LYS B 184 35.09 45.04 -20.42
C LYS B 184 35.07 44.72 -21.91
N LEU B 185 34.19 43.78 -22.29
CA LEU B 185 34.01 43.39 -23.68
C LEU B 185 33.61 44.55 -24.60
N LYS B 186 32.76 45.45 -24.13
CA LYS B 186 32.43 46.70 -24.86
C LYS B 186 33.64 47.61 -25.09
N THR B 187 34.49 47.77 -24.08
CA THR B 187 35.72 48.57 -24.21
C THR B 187 36.75 47.91 -25.13
N LEU B 188 36.68 46.59 -25.27
CA LEU B 188 37.42 45.84 -26.29
C LEU B 188 36.73 45.77 -27.69
N ASN B 189 35.71 46.60 -27.95
CA ASN B 189 34.91 46.64 -29.20
C ASN B 189 34.32 45.30 -29.61
N VAL B 190 33.78 44.59 -28.64
CA VAL B 190 32.90 43.43 -28.89
C VAL B 190 31.49 43.99 -28.69
N ASN B 191 30.79 44.25 -29.78
CA ASN B 191 29.42 44.82 -29.77
C ASN B 191 28.26 43.75 -29.77
N LYS B 192 28.60 42.46 -29.93
CA LYS B 192 27.63 41.34 -29.89
C LYS B 192 27.98 40.40 -28.73
N ILE B 193 27.09 40.31 -27.73
CA ILE B 193 27.34 39.55 -26.49
C ILE B 193 26.20 38.55 -26.17
N ILE B 194 26.56 37.27 -26.01
CA ILE B 194 25.65 36.22 -25.59
C ILE B 194 26.01 35.88 -24.14
N ALA B 195 25.02 35.90 -23.24
CA ALA B 195 25.16 35.31 -21.91
C ALA B 195 24.75 33.86 -22.01
N LEU B 196 25.70 32.96 -21.75
CA LEU B 196 25.50 31.51 -21.83
C LEU B 196 25.68 30.94 -20.43
N GLY B 197 24.64 30.33 -19.84
CA GLY B 197 24.80 29.81 -18.48
C GLY B 197 23.75 28.93 -17.88
N HIS B 198 23.98 28.62 -16.59
CA HIS B 198 23.32 27.52 -15.91
C HIS B 198 22.84 27.87 -14.51
N SER B 199 21.84 28.75 -14.46
CA SER B 199 21.13 29.13 -13.24
C SER B 199 19.60 29.04 -13.27
N GLY B 200 19.00 28.73 -14.42
CA GLY B 200 17.54 28.61 -14.52
C GLY B 200 16.90 29.82 -15.13
N PHE B 201 15.68 29.59 -15.62
CA PHE B 201 14.90 30.54 -16.45
C PHE B 201 14.63 31.85 -15.73
N GLU B 202 14.33 31.77 -14.44
CA GLU B 202 14.07 32.98 -13.64
C GLU B 202 15.33 33.87 -13.54
N MET B 203 16.48 33.24 -13.25
CA MET B 203 17.76 33.96 -13.27
C MET B 203 18.12 34.46 -14.67
N ASP B 204 17.87 33.63 -15.71
CA ASP B 204 18.12 34.02 -17.10
C ASP B 204 17.39 35.30 -17.46
N LYS B 205 16.12 35.38 -17.05
CA LYS B 205 15.32 36.59 -17.25
C LYS B 205 15.89 37.85 -16.55
N LEU B 206 16.38 37.69 -15.32
CA LEU B 206 17.00 38.78 -14.56
C LEU B 206 18.30 39.28 -15.17
N ILE B 207 19.11 38.35 -15.68
CA ILE B 207 20.33 38.68 -16.45
C ILE B 207 19.98 39.49 -17.73
N ALA B 208 18.99 39.02 -18.49
CA ALA B 208 18.45 39.77 -19.65
C ALA B 208 18.01 41.17 -19.25
N GLN B 209 17.30 41.26 -18.14
CA GLN B 209 16.76 42.55 -17.67
C GLN B 209 17.82 43.55 -17.18
N LYS B 210 18.76 43.07 -16.37
CA LYS B 210 19.64 43.94 -15.55
C LYS B 210 21.08 44.08 -16.08
N VAL B 211 21.63 43.06 -16.75
CA VAL B 211 23.02 43.09 -17.24
C VAL B 211 23.11 43.82 -18.60
N ARG B 212 23.44 45.12 -18.52
CA ARG B 212 23.53 46.03 -19.68
C ARG B 212 24.61 45.54 -20.64
N GLY B 213 24.27 45.45 -21.92
CA GLY B 213 25.17 44.94 -22.98
C GLY B 213 24.88 43.51 -23.46
N VAL B 214 24.11 42.74 -22.70
CA VAL B 214 23.75 41.36 -23.09
C VAL B 214 22.71 41.43 -24.20
N ASP B 215 23.02 40.80 -25.33
CA ASP B 215 22.09 40.77 -26.47
C ASP B 215 21.11 39.61 -26.44
N VAL B 216 21.59 38.46 -25.98
CA VAL B 216 20.83 37.19 -25.93
C VAL B 216 21.25 36.42 -24.68
N VAL B 217 20.29 35.74 -24.04
CA VAL B 217 20.56 34.82 -22.94
C VAL B 217 20.20 33.39 -23.36
N VAL B 218 21.17 32.48 -23.26
CA VAL B 218 21.00 31.06 -23.56
C VAL B 218 21.24 30.33 -22.22
N GLY B 219 20.19 29.70 -21.71
CA GLY B 219 20.17 29.10 -20.40
C GLY B 219 19.91 27.60 -20.33
N GLY B 220 19.72 27.17 -19.09
CA GLY B 220 19.58 25.76 -18.73
C GLY B 220 19.12 25.67 -17.30
N HIS B 221 19.19 24.46 -16.74
CA HIS B 221 19.02 24.14 -15.29
C HIS B 221 17.57 24.03 -14.80
N SER B 222 16.61 24.66 -15.48
CA SER B 222 15.20 24.57 -15.11
C SER B 222 14.41 23.63 -16.05
N ASN B 223 15.09 22.99 -17.00
CA ASN B 223 14.45 22.12 -18.02
C ASN B 223 13.22 22.84 -18.70
N THR B 224 13.40 24.11 -19.04
CA THR B 224 12.34 25.01 -19.51
C THR B 224 12.12 24.78 -21.00
N PHE B 225 10.90 24.43 -21.38
CA PHE B 225 10.51 24.29 -22.77
C PHE B 225 9.80 25.57 -23.14
N LEU B 226 10.34 26.24 -24.16
CA LEU B 226 9.76 27.40 -24.81
C LEU B 226 9.43 27.02 -26.25
N TYR B 227 8.28 27.48 -26.75
CA TYR B 227 7.82 27.14 -28.09
C TYR B 227 6.84 28.19 -28.61
N THR B 228 6.98 28.55 -29.89
CA THR B 228 6.05 29.43 -30.61
C THR B 228 5.26 28.55 -31.58
N GLY B 229 3.93 28.48 -31.39
CA GLY B 229 3.01 27.67 -32.22
C GLY B 229 2.63 26.38 -31.55
N ASN B 230 2.22 25.39 -32.34
CA ASN B 230 1.75 24.11 -31.79
C ASN B 230 2.95 23.24 -31.48
N PRO B 231 3.13 22.84 -30.19
CA PRO B 231 4.33 22.10 -29.82
C PRO B 231 4.34 20.66 -30.39
N PRO B 232 5.52 20.10 -30.74
CA PRO B 232 5.59 18.82 -31.46
C PRO B 232 5.50 17.52 -30.65
N SER B 233 5.60 17.59 -29.32
CA SER B 233 5.63 16.40 -28.44
C SER B 233 4.88 16.69 -27.11
N LYS B 234 5.24 16.00 -26.02
CA LYS B 234 4.46 16.05 -24.75
C LYS B 234 4.74 17.28 -23.85
N GLU B 235 5.83 17.99 -24.09
CA GLU B 235 6.28 19.08 -23.20
C GLU B 235 5.35 20.28 -23.45
N VAL B 236 4.85 20.86 -22.35
CA VAL B 236 3.97 22.03 -22.36
C VAL B 236 4.92 23.21 -22.32
N PRO B 237 4.76 24.19 -23.24
CA PRO B 237 5.64 25.36 -23.18
C PRO B 237 5.30 26.29 -22.03
N ALA B 238 6.34 26.76 -21.33
CA ALA B 238 6.21 27.80 -20.29
C ALA B 238 6.10 29.22 -20.88
N GLY B 239 6.42 29.38 -22.16
CA GLY B 239 6.16 30.61 -22.91
C GLY B 239 6.65 30.49 -24.33
N LYS B 240 6.73 31.62 -25.03
CA LYS B 240 7.15 31.66 -26.43
C LYS B 240 8.66 31.46 -26.57
N TYR B 241 9.08 30.98 -27.74
CA TYR B 241 10.49 30.92 -28.13
C TYR B 241 10.72 31.95 -29.25
N PRO B 242 11.63 32.92 -29.07
CA PRO B 242 12.28 33.23 -27.79
C PRO B 242 11.32 33.89 -26.80
N PHE B 243 11.64 33.84 -25.50
CA PHE B 243 10.95 34.66 -24.49
C PHE B 243 11.60 36.04 -24.49
N ILE B 244 10.81 37.09 -24.68
CA ILE B 244 11.31 38.47 -24.78
C ILE B 244 11.23 39.17 -23.42
N VAL B 245 12.40 39.57 -22.90
CA VAL B 245 12.54 40.43 -21.73
C VAL B 245 12.71 41.88 -22.23
N THR B 246 12.02 42.80 -21.58
CA THR B 246 12.26 44.23 -21.73
C THR B 246 13.28 44.56 -20.65
N SER B 247 14.49 44.94 -21.07
CA SER B 247 15.54 45.36 -20.13
C SER B 247 15.25 46.71 -19.48
N ASP B 248 16.04 47.03 -18.45
CA ASP B 248 15.96 48.34 -17.77
C ASP B 248 16.31 49.50 -18.71
N ASP B 249 17.24 49.29 -19.63
CA ASP B 249 17.57 50.29 -20.69
C ASP B 249 16.66 50.23 -21.93
N GLY B 250 15.47 49.62 -21.82
CA GLY B 250 14.44 49.65 -22.86
C GLY B 250 14.50 48.58 -23.96
N ARG B 251 15.60 47.83 -24.07
CA ARG B 251 15.79 46.93 -25.21
C ARG B 251 15.12 45.57 -25.00
N LYS B 252 14.90 44.89 -26.11
CA LYS B 252 14.25 43.58 -26.16
C LYS B 252 15.32 42.50 -26.22
N VAL B 253 15.42 41.69 -25.19
CA VAL B 253 16.46 40.67 -25.06
C VAL B 253 15.77 39.32 -25.14
N PRO B 254 16.04 38.54 -26.22
CA PRO B 254 15.53 37.18 -26.27
C PRO B 254 16.24 36.24 -25.29
N VAL B 255 15.44 35.40 -24.64
CA VAL B 255 15.87 34.43 -23.66
C VAL B 255 15.41 33.06 -24.20
N VAL B 256 16.35 32.10 -24.28
CA VAL B 256 16.08 30.76 -24.80
C VAL B 256 16.59 29.67 -23.88
N GLN B 257 15.91 28.54 -23.94
CA GLN B 257 16.32 27.29 -23.32
C GLN B 257 15.72 26.18 -24.19
N ALA B 258 16.23 24.95 -24.09
CA ALA B 258 15.80 23.86 -24.97
C ALA B 258 15.49 22.57 -24.23
N TYR B 259 14.64 22.69 -23.21
CA TYR B 259 14.16 21.57 -22.39
C TYR B 259 15.36 20.81 -21.80
N ALA B 260 15.64 19.58 -22.23
CA ALA B 260 16.64 18.70 -21.59
C ALA B 260 16.81 17.42 -22.37
N PHE B 261 17.85 16.67 -21.98
CA PHE B 261 18.10 15.28 -22.39
C PHE B 261 18.43 15.09 -23.87
N GLY B 262 18.83 16.17 -24.56
CA GLY B 262 19.10 16.11 -26.00
C GLY B 262 17.91 15.79 -26.88
N LYS B 263 16.70 16.00 -26.37
CA LYS B 263 15.46 15.72 -27.10
C LYS B 263 15.24 16.73 -28.22
N TYR B 264 15.58 17.99 -27.94
CA TYR B 264 15.45 19.10 -28.86
C TYR B 264 16.80 19.74 -29.08
N LEU B 265 16.99 20.29 -30.29
CA LEU B 265 18.03 21.25 -30.58
C LEU B 265 17.41 22.64 -30.61
N GLY B 266 17.82 23.50 -29.69
CA GLY B 266 17.51 24.92 -29.74
C GLY B 266 18.03 25.56 -31.02
N TYR B 267 17.23 26.43 -31.64
CA TYR B 267 17.55 27.09 -32.90
C TYR B 267 16.98 28.50 -32.89
N LEU B 268 17.84 29.51 -32.84
CA LEU B 268 17.42 30.91 -32.84
C LEU B 268 18.23 31.64 -33.89
N LYS B 269 17.53 32.28 -34.83
CA LYS B 269 18.15 33.21 -35.78
C LYS B 269 18.04 34.62 -35.25
N ILE B 270 19.12 35.40 -35.29
CA ILE B 270 19.15 36.79 -34.77
C ILE B 270 19.66 37.71 -35.85
N GLU B 271 18.94 38.79 -36.14
CA GLU B 271 19.40 39.83 -37.03
C GLU B 271 19.95 40.95 -36.18
N PHE B 272 21.24 41.19 -36.37
CA PHE B 272 21.97 42.29 -35.74
C PHE B 272 22.15 43.40 -36.74
N ASP B 273 22.05 44.65 -36.27
CA ASP B 273 22.60 45.79 -37.05
C ASP B 273 24.13 45.87 -36.93
N GLU B 274 24.73 46.78 -37.68
CA GLU B 274 26.19 46.97 -37.69
C GLU B 274 26.81 47.39 -36.34
N ARG B 275 26.00 47.98 -35.45
CA ARG B 275 26.40 48.32 -34.08
C ARG B 275 26.14 47.24 -33.03
N GLY B 276 25.68 46.07 -33.47
CA GLY B 276 25.41 44.95 -32.59
C GLY B 276 24.11 44.97 -31.78
N ASN B 277 23.12 45.78 -32.18
CA ASN B 277 21.78 45.72 -31.58
C ASN B 277 20.94 44.64 -32.25
N VAL B 278 20.14 43.93 -31.45
CA VAL B 278 19.19 42.94 -31.97
C VAL B 278 18.04 43.69 -32.66
N ILE B 279 17.92 43.51 -33.97
CA ILE B 279 16.82 44.06 -34.75
C ILE B 279 15.61 43.18 -34.58
N SER B 280 15.80 41.88 -34.78
CA SER B 280 14.74 40.88 -34.65
C SER B 280 15.35 39.52 -34.33
N SER B 281 14.52 38.61 -33.89
CA SER B 281 14.93 37.22 -33.74
C SER B 281 13.73 36.31 -33.87
N HIS B 282 13.99 35.07 -34.27
CA HIS B 282 12.96 34.05 -34.39
C HIS B 282 13.58 32.66 -34.35
N GLY B 283 12.75 31.66 -34.03
CA GLY B 283 13.12 30.25 -34.16
C GLY B 283 12.19 29.33 -33.41
N ASN B 284 12.73 28.19 -33.01
CA ASN B 284 12.05 27.21 -32.16
C ASN B 284 13.00 26.09 -31.85
N PRO B 285 12.78 25.35 -30.73
CA PRO B 285 13.53 24.09 -30.56
C PRO B 285 13.07 23.06 -31.61
N ILE B 286 14.01 22.30 -32.15
CA ILE B 286 13.76 21.31 -33.19
C ILE B 286 13.72 19.95 -32.51
N LEU B 287 12.62 19.22 -32.66
CA LEU B 287 12.47 17.90 -32.08
C LEU B 287 13.34 16.91 -32.82
N LEU B 288 14.19 16.21 -32.08
CA LEU B 288 15.15 15.28 -32.65
C LEU B 288 14.52 13.90 -32.62
N ASN B 289 13.57 13.70 -33.54
CA ASN B 289 12.82 12.46 -33.62
C ASN B 289 13.39 11.62 -34.78
N SER B 290 12.75 10.46 -35.01
N SER B 290 12.79 10.44 -35.00
CA SER B 290 13.15 9.46 -36.02
CA SER B 290 13.27 9.44 -35.94
C SER B 290 13.24 9.94 -37.46
C SER B 290 13.26 9.87 -37.40
N SER B 291 12.52 11.01 -37.80
N SER B 291 12.51 10.92 -37.73
CA SER B 291 12.59 11.62 -39.13
CA SER B 291 12.62 11.52 -39.06
C SER B 291 13.97 12.25 -39.47
C SER B 291 14.07 11.91 -39.42
N ILE B 292 14.81 12.48 -38.45
CA ILE B 292 16.23 12.85 -38.64
C ILE B 292 17.08 11.59 -38.40
N PRO B 293 17.84 11.13 -39.41
CA PRO B 293 18.62 9.91 -39.22
C PRO B 293 19.84 10.15 -38.34
N GLU B 294 20.24 9.11 -37.61
CA GLU B 294 21.48 9.12 -36.82
C GLU B 294 22.67 9.13 -37.74
N ASP B 295 23.59 10.08 -37.57
CA ASP B 295 24.81 10.11 -38.37
C ASP B 295 25.56 8.78 -38.28
N PRO B 296 25.91 8.15 -39.43
CA PRO B 296 26.55 6.83 -39.35
C PRO B 296 27.89 6.78 -38.64
N SER B 297 28.76 7.76 -38.85
CA SER B 297 30.11 7.74 -38.25
C SER B 297 30.07 7.90 -36.72
N ILE B 298 29.25 8.83 -36.23
CA ILE B 298 29.07 9.06 -34.78
C ILE B 298 28.42 7.82 -34.14
N LYS B 299 27.40 7.29 -34.80
CA LYS B 299 26.70 6.07 -34.34
C LYS B 299 27.66 4.88 -34.21
N ALA B 300 28.54 4.70 -35.20
CA ALA B 300 29.60 3.66 -35.16
C ALA B 300 30.55 3.85 -33.97
N ASP B 301 30.90 5.09 -33.73
CA ASP B 301 31.74 5.48 -32.61
C ASP B 301 31.03 5.26 -31.26
N ILE B 302 29.77 5.69 -31.16
CA ILE B 302 28.91 5.42 -30.00
C ILE B 302 28.84 3.91 -29.68
N ASN B 303 28.59 3.09 -30.71
CA ASN B 303 28.53 1.63 -30.59
C ASN B 303 29.84 0.99 -30.11
N LYS B 304 30.97 1.58 -30.48
CA LYS B 304 32.29 1.19 -29.98
C LYS B 304 32.42 1.45 -28.46
N TRP B 305 32.09 2.67 -28.05
CA TRP B 305 32.08 3.03 -26.62
C TRP B 305 31.01 2.28 -25.78
N ARG B 306 29.90 1.92 -26.43
CA ARG B 306 28.79 1.17 -25.83
C ARG B 306 29.17 -0.22 -25.30
N ILE B 307 30.15 -0.89 -25.94
CA ILE B 307 30.52 -2.31 -25.65
C ILE B 307 30.82 -2.52 -24.16
N LYS B 308 31.60 -1.60 -23.58
CA LYS B 308 31.94 -1.62 -22.15
C LYS B 308 30.72 -1.54 -21.21
N LEU B 309 29.70 -0.78 -21.62
CA LEU B 309 28.49 -0.57 -20.83
C LEU B 309 27.51 -1.76 -20.74
N ASP B 310 27.53 -2.68 -21.71
CA ASP B 310 26.52 -3.77 -21.82
C ASP B 310 26.46 -4.80 -20.65
N ASP B 311 27.49 -4.84 -19.80
CA ASP B 311 27.47 -5.57 -18.50
C ASP B 311 26.32 -5.16 -17.56
N TYR B 312 25.98 -3.86 -17.58
CA TYR B 312 24.88 -3.28 -16.81
C TYR B 312 23.44 -3.64 -17.28
N SER B 313 23.29 -4.12 -18.51
CA SER B 313 22.00 -4.54 -19.10
C SER B 313 21.89 -6.07 -19.32
N THR B 314 22.71 -6.86 -18.62
CA THR B 314 22.77 -8.31 -18.84
C THR B 314 21.61 -8.97 -18.08
N GLN B 315 21.58 -8.76 -16.76
CA GLN B 315 20.66 -9.45 -15.85
C GLN B 315 19.34 -8.67 -15.71
N GLU B 316 18.20 -9.34 -15.93
CA GLU B 316 16.88 -8.80 -15.57
C GLU B 316 16.74 -8.89 -14.04
N LEU B 317 16.66 -7.72 -13.38
CA LEU B 317 16.43 -7.63 -11.93
C LEU B 317 15.01 -8.00 -11.57
N GLY B 318 14.07 -7.46 -12.32
CA GLY B 318 12.68 -7.89 -12.27
C GLY B 318 11.84 -7.26 -13.36
N LYS B 319 10.56 -7.13 -13.09
CA LYS B 319 9.56 -6.70 -14.06
C LYS B 319 8.62 -5.64 -13.46
N THR B 320 8.28 -4.60 -14.21
CA THR B 320 7.13 -3.73 -13.89
C THR B 320 6.02 -4.01 -14.87
N ILE B 321 4.78 -3.97 -14.40
CA ILE B 321 3.58 -4.05 -15.26
C ILE B 321 2.81 -2.71 -15.35
N VAL B 322 3.39 -1.66 -14.79
CA VAL B 322 2.83 -0.31 -14.83
C VAL B 322 3.97 0.64 -15.23
N TYR B 323 3.61 1.73 -15.89
CA TYR B 323 4.54 2.83 -16.13
C TYR B 323 5.05 3.39 -14.78
N LEU B 324 6.37 3.45 -14.64
CA LEU B 324 7.03 3.98 -13.47
C LEU B 324 7.35 5.45 -13.80
N ASP B 325 6.44 6.32 -13.37
CA ASP B 325 6.50 7.74 -13.66
C ASP B 325 7.50 8.37 -12.69
N GLY B 326 8.71 8.52 -13.19
CA GLY B 326 9.80 9.22 -12.50
C GLY B 326 10.14 10.52 -13.19
N SER B 327 9.17 11.12 -13.90
CA SER B 327 9.40 12.34 -14.66
C SER B 327 9.35 13.53 -13.71
N SER B 328 10.09 14.60 -14.01
N SER B 328 10.09 14.59 -14.03
CA SER B 328 10.07 15.83 -13.20
CA SER B 328 10.10 15.84 -13.25
C SER B 328 8.70 16.52 -13.11
C SER B 328 8.73 16.52 -13.13
N GLN B 329 7.92 16.41 -14.19
CA GLN B 329 6.63 17.06 -14.29
C GLN B 329 5.62 16.44 -13.32
N SER B 330 5.81 15.15 -13.00
CA SER B 330 5.04 14.46 -11.98
C SER B 330 5.69 14.61 -10.61
N CYS B 331 6.91 14.11 -10.47
CA CYS B 331 7.55 13.92 -9.16
C CYS B 331 7.92 15.19 -8.41
N ARG B 332 7.93 16.35 -9.07
CA ARG B 332 8.13 17.66 -8.40
C ARG B 332 6.86 18.47 -8.21
N PHE B 333 5.72 17.97 -8.68
CA PHE B 333 4.44 18.68 -8.59
C PHE B 333 3.33 17.94 -7.86
N ARG B 334 3.41 16.62 -7.76
CA ARG B 334 2.37 15.81 -7.12
C ARG B 334 2.92 14.43 -6.81
N GLU B 335 2.10 13.60 -6.20
CA GLU B 335 2.46 12.21 -5.94
C GLU B 335 2.74 11.53 -7.27
N CYS B 336 3.93 10.92 -7.35
CA CYS B 336 4.31 10.06 -8.46
C CYS B 336 4.56 8.65 -7.97
N ASN B 337 4.29 7.68 -8.84
CA ASN B 337 4.39 6.26 -8.43
C ASN B 337 5.83 5.74 -8.32
N MET B 338 6.78 6.33 -9.05
CA MET B 338 8.22 5.99 -8.87
C MET B 338 8.71 6.40 -7.46
N GLY B 339 8.22 7.53 -6.97
CA GLY B 339 8.48 7.98 -5.60
C GLY B 339 7.98 7.00 -4.56
N ASN B 340 6.74 6.56 -4.76
CA ASN B 340 6.15 5.53 -3.88
C ASN B 340 6.94 4.24 -3.88
N LEU B 341 7.40 3.81 -5.05
CA LEU B 341 8.26 2.61 -5.19
C LEU B 341 9.55 2.72 -4.39
N ILE B 342 10.21 3.87 -4.52
CA ILE B 342 11.52 4.09 -3.89
C ILE B 342 11.34 4.17 -2.38
N CYS B 343 10.34 4.92 -1.93
CA CYS B 343 10.03 4.98 -0.48
C CYS B 343 9.64 3.64 0.14
N ASP B 344 8.84 2.86 -0.59
CA ASP B 344 8.50 1.50 -0.15
C ASP B 344 9.68 0.55 -0.13
N ALA B 345 10.58 0.66 -1.11
CA ALA B 345 11.84 -0.09 -1.14
C ALA B 345 12.76 0.28 0.02
N MET B 346 12.91 1.57 0.28
CA MET B 346 13.63 2.12 1.45
C MET B 346 13.14 1.52 2.77
N ILE B 347 11.82 1.59 2.98
CA ILE B 347 11.18 1.03 4.16
C ILE B 347 11.40 -0.49 4.23
N ASN B 348 11.09 -1.18 3.13
CA ASN B 348 11.17 -2.65 3.08
C ASN B 348 12.55 -3.23 3.35
N ASN B 349 13.57 -2.62 2.74
CA ASN B 349 14.96 -3.05 2.88
C ASN B 349 15.51 -2.79 4.30
N ASN B 350 15.17 -1.64 4.90
CA ASN B 350 15.54 -1.36 6.28
C ASN B 350 15.02 -2.40 7.30
N LEU B 351 13.81 -2.96 7.09
CA LEU B 351 13.26 -4.02 7.96
C LEU B 351 13.94 -5.39 7.82
N ARG B 352 14.71 -5.61 6.75
CA ARG B 352 15.68 -6.74 6.65
C ARG B 352 16.72 -6.76 7.81
N HIS B 353 17.28 -5.59 8.14
CA HIS B 353 18.25 -5.46 9.26
C HIS B 353 17.52 -5.52 10.59
N GLU B 356 19.74 -4.75 14.10
CA GLU B 356 19.68 -3.35 14.55
C GLU B 356 18.27 -2.97 15.05
N MET B 357 18.09 -2.99 16.39
CA MET B 357 16.78 -2.82 17.04
C MET B 357 16.15 -1.41 17.00
N PHE B 358 16.97 -0.36 16.90
CA PHE B 358 16.48 1.03 17.00
C PHE B 358 15.66 1.50 15.78
N TRP B 359 15.92 0.92 14.61
CA TRP B 359 15.24 1.25 13.37
C TRP B 359 14.35 0.13 12.78
N ASN B 360 14.14 -0.97 13.50
CA ASN B 360 13.48 -2.17 12.90
C ASN B 360 11.93 -2.13 12.75
N HIS B 361 11.29 -1.02 13.15
CA HIS B 361 9.89 -0.71 12.84
C HIS B 361 9.71 0.58 12.01
N VAL B 362 10.78 1.12 11.42
CA VAL B 362 10.69 2.39 10.68
C VAL B 362 9.67 2.23 9.55
N SER B 363 8.64 3.06 9.59
CA SER B 363 7.53 3.02 8.64
C SER B 363 7.35 4.30 7.85
N MET B 364 8.20 5.33 8.07
CA MET B 364 8.01 6.67 7.47
C MET B 364 9.17 7.00 6.54
N CYS B 365 8.85 7.60 5.39
CA CYS B 365 9.84 7.89 4.35
C CYS B 365 9.59 9.25 3.74
N ILE B 366 10.66 10.02 3.51
CA ILE B 366 10.61 11.21 2.67
C ILE B 366 11.75 11.20 1.66
N LEU B 367 11.47 11.73 0.47
CA LEU B 367 12.33 11.59 -0.69
C LEU B 367 12.12 12.82 -1.59
N ASN B 368 13.17 13.61 -1.77
CA ASN B 368 13.13 14.77 -2.67
C ASN B 368 12.83 14.33 -4.11
N GLY B 369 11.77 14.89 -4.68
CA GLY B 369 11.35 14.63 -6.06
C GLY B 369 12.41 14.86 -7.12
N GLY B 370 13.23 15.87 -6.92
CA GLY B 370 14.36 16.16 -7.80
C GLY B 370 15.49 15.13 -7.79
N GLY B 371 15.52 14.26 -6.78
CA GLY B 371 16.38 13.07 -6.76
C GLY B 371 15.97 11.93 -7.70
N ILE B 372 14.73 11.94 -8.19
CA ILE B 372 14.23 10.94 -9.16
C ILE B 372 14.52 11.49 -10.55
N ARG B 373 15.40 10.80 -11.29
CA ARG B 373 15.99 11.33 -12.52
C ARG B 373 15.56 10.69 -13.86
N SER B 374 14.74 9.63 -13.81
CA SER B 374 14.17 9.02 -15.03
C SER B 374 12.94 8.18 -14.73
N PRO B 375 11.96 8.15 -15.67
CA PRO B 375 11.00 7.03 -15.66
C PRO B 375 11.61 5.69 -16.08
N ILE B 376 10.81 4.64 -15.92
CA ILE B 376 11.06 3.32 -16.53
C ILE B 376 9.74 2.90 -17.19
N ASP B 377 9.87 2.31 -18.38
CA ASP B 377 8.77 1.98 -19.25
C ASP B 377 8.32 0.54 -18.99
N GLU B 378 6.99 0.31 -19.05
CA GLU B 378 6.37 -1.02 -18.90
C GLU B 378 6.13 -1.81 -20.21
N ARG B 379 6.09 -1.13 -21.36
CA ARG B 379 5.85 -1.83 -22.64
C ARG B 379 7.08 -2.71 -22.96
N ASN B 380 6.87 -3.65 -23.88
CA ASN B 380 7.91 -4.61 -24.28
C ASN B 380 8.40 -5.44 -23.06
N ASP B 381 7.41 -6.03 -22.37
CA ASP B 381 7.62 -6.92 -21.21
C ASP B 381 8.21 -6.25 -19.93
N GLY B 382 8.16 -4.91 -19.85
CA GLY B 382 8.66 -4.09 -18.73
C GLY B 382 9.86 -4.52 -17.92
N THR B 383 10.95 -4.84 -18.62
CA THR B 383 12.19 -5.32 -18.01
C THR B 383 12.87 -4.19 -17.23
N ILE B 384 13.45 -4.54 -16.09
CA ILE B 384 14.25 -3.63 -15.26
C ILE B 384 15.63 -4.26 -15.14
N THR B 385 16.62 -3.58 -15.70
CA THR B 385 18.03 -3.88 -15.52
C THR B 385 18.66 -2.82 -14.63
N TRP B 386 19.93 -3.04 -14.28
CA TRP B 386 20.71 -2.05 -13.54
C TRP B 386 20.82 -0.73 -14.32
N GLU B 387 20.97 -0.82 -15.64
CA GLU B 387 21.04 0.36 -16.50
C GLU B 387 19.81 1.22 -16.35
N ASN B 388 18.63 0.60 -16.37
CA ASN B 388 17.38 1.34 -16.14
C ASN B 388 17.39 2.05 -14.79
N LEU B 389 17.82 1.35 -13.74
CA LEU B 389 17.84 1.91 -12.39
C LEU B 389 18.86 3.01 -12.18
N ALA B 390 20.04 2.84 -12.78
CA ALA B 390 21.12 3.86 -12.73
C ALA B 390 20.68 5.24 -13.25
N ALA B 391 19.77 5.29 -14.22
CA ALA B 391 19.18 6.55 -14.71
C ALA B 391 18.14 7.14 -13.78
N VAL B 392 17.45 6.31 -13.00
CA VAL B 392 16.53 6.79 -11.98
C VAL B 392 17.31 7.39 -10.81
N LEU B 393 18.37 6.69 -10.38
CA LEU B 393 19.15 7.02 -9.17
C LEU B 393 20.64 7.07 -9.50
N PRO B 394 21.08 8.16 -10.13
CA PRO B 394 22.47 8.26 -10.60
C PRO B 394 23.50 8.77 -9.59
N PHE B 395 23.03 9.31 -8.46
CA PHE B 395 23.85 10.14 -7.55
C PHE B 395 24.74 9.41 -6.53
N GLY B 396 24.63 8.09 -6.39
CA GLY B 396 25.47 7.34 -5.44
C GLY B 396 25.32 7.72 -3.97
N GLY B 397 24.12 8.15 -3.58
CA GLY B 397 23.79 8.45 -2.19
C GLY B 397 23.36 7.20 -1.44
N THR B 398 23.04 7.40 -0.16
CA THR B 398 22.54 6.35 0.72
C THR B 398 21.17 6.74 1.24
N PHE B 399 20.41 5.73 1.69
CA PHE B 399 19.13 5.93 2.37
C PHE B 399 19.37 5.84 3.88
N ASP B 400 19.40 7.00 4.51
CA ASP B 400 19.81 7.17 5.90
C ASP B 400 18.61 7.25 6.83
N LEU B 401 18.89 7.05 8.10
CA LEU B 401 17.88 7.00 9.14
C LEU B 401 18.07 8.19 10.06
N VAL B 402 16.99 8.95 10.27
CA VAL B 402 16.97 10.08 11.20
C VAL B 402 15.84 9.95 12.22
N GLN B 403 16.10 10.48 13.41
CA GLN B 403 15.07 10.69 14.42
C GLN B 403 14.84 12.20 14.44
N LEU B 404 13.57 12.61 14.34
CA LEU B 404 13.16 14.02 14.21
C LEU B 404 11.97 14.34 15.11
N LYS B 405 11.89 15.59 15.56
CA LYS B 405 10.68 16.10 16.20
C LYS B 405 9.60 16.31 15.15
N GLY B 406 8.34 16.18 15.57
CA GLY B 406 7.18 16.50 14.70
C GLY B 406 7.17 17.94 14.18
N SER B 407 7.66 18.87 15.01
CA SER B 407 7.81 20.29 14.61
C SER B 407 8.78 20.45 13.41
N THR B 408 9.94 19.77 13.47
CA THR B 408 10.89 19.64 12.35
C THR B 408 10.25 19.06 11.08
N LEU B 409 9.48 17.97 11.23
CA LEU B 409 8.76 17.36 10.11
C LEU B 409 7.70 18.25 9.50
N LYS B 410 6.90 18.95 10.33
CA LYS B 410 5.90 19.89 9.77
C LYS B 410 6.55 21.03 8.99
N LYS B 411 7.68 21.55 9.50
CA LYS B 411 8.46 22.57 8.79
C LYS B 411 9.06 22.07 7.47
N ALA B 412 9.49 20.81 7.43
CA ALA B 412 9.94 20.19 6.18
C ALA B 412 8.82 20.14 5.12
N PHE B 413 7.63 19.74 5.55
CA PHE B 413 6.47 19.71 4.65
C PHE B 413 5.99 21.10 4.19
N GLU B 414 6.18 22.12 5.02
CA GLU B 414 6.04 23.52 4.57
C GLU B 414 7.09 23.98 3.55
N HIS B 415 8.34 23.57 3.77
CA HIS B 415 9.45 23.86 2.81
C HIS B 415 9.27 23.13 1.48
N SER B 416 8.74 21.90 1.53
CA SER B 416 8.33 21.12 0.34
C SER B 416 7.47 21.87 -0.70
N VAL B 417 6.60 22.78 -0.24
CA VAL B 417 5.70 23.56 -1.11
C VAL B 417 5.81 25.09 -0.96
N HIS B 418 6.91 25.61 -0.38
CA HIS B 418 7.02 27.06 -0.07
C HIS B 418 7.09 27.94 -1.33
N ARG B 419 7.81 27.45 -2.34
CA ARG B 419 7.93 28.08 -3.68
C ARG B 419 7.38 27.12 -4.76
N TYR B 420 6.23 26.51 -4.48
CA TYR B 420 5.58 25.55 -5.41
C TYR B 420 5.23 26.25 -6.74
N GLY B 421 5.34 25.49 -7.83
CA GLY B 421 5.09 25.98 -9.20
C GLY B 421 6.31 26.27 -10.05
N GLN B 422 7.49 26.30 -9.43
CA GLN B 422 8.77 26.61 -10.09
C GLN B 422 9.59 25.37 -10.51
N SER B 423 9.00 24.17 -10.37
CA SER B 423 9.63 22.89 -10.77
C SER B 423 10.90 22.56 -9.98
N THR B 424 10.95 23.03 -8.75
CA THR B 424 12.10 22.85 -7.87
C THR B 424 12.03 21.48 -7.22
N GLY B 425 13.21 20.92 -6.96
CA GLY B 425 13.36 19.52 -6.54
C GLY B 425 13.00 19.16 -5.10
N GLU B 426 12.76 20.15 -4.25
CA GLU B 426 12.51 19.93 -2.82
C GLU B 426 11.14 19.31 -2.49
N PHE B 427 10.21 19.27 -3.46
CA PHE B 427 8.92 18.62 -3.31
C PHE B 427 9.12 17.16 -2.91
N LEU B 428 8.43 16.72 -1.86
CA LEU B 428 8.71 15.44 -1.20
C LEU B 428 7.74 14.33 -1.62
N GLN B 429 8.30 13.23 -2.08
CA GLN B 429 7.62 11.97 -2.19
C GLN B 429 7.72 11.31 -0.83
N VAL B 430 6.72 10.50 -0.49
CA VAL B 430 6.57 9.99 0.88
C VAL B 430 6.16 8.52 0.92
N GLY B 431 6.39 7.92 2.08
CA GLY B 431 5.83 6.63 2.48
C GLY B 431 5.52 6.67 3.97
N GLY B 432 4.45 5.98 4.36
CA GLY B 432 3.90 6.05 5.71
C GLY B 432 3.42 7.42 6.20
N ILE B 433 3.10 8.32 5.27
CA ILE B 433 2.70 9.69 5.56
C ILE B 433 1.58 10.03 4.59
N HIS B 434 0.53 10.67 5.09
CA HIS B 434 -0.55 11.26 4.26
C HIS B 434 -0.57 12.76 4.53
N VAL B 435 -0.28 13.53 3.49
CA VAL B 435 -0.14 15.00 3.57
C VAL B 435 -1.16 15.63 2.61
N VAL B 436 -1.81 16.69 3.10
CA VAL B 436 -2.78 17.50 2.31
C VAL B 436 -2.29 18.94 2.35
N TYR B 437 -2.12 19.54 1.16
CA TYR B 437 -1.70 20.94 1.02
C TYR B 437 -2.88 21.79 0.51
N ASP B 438 -2.94 23.06 0.94
CA ASP B 438 -3.85 24.07 0.39
C ASP B 438 -2.98 25.18 -0.17
N LEU B 439 -2.74 25.14 -1.48
CA LEU B 439 -1.82 26.08 -2.15
C LEU B 439 -2.26 27.55 -2.16
N SER B 440 -3.57 27.79 -2.03
CA SER B 440 -4.13 29.14 -1.84
C SER B 440 -3.68 29.86 -0.55
N ARG B 441 -3.28 29.09 0.47
CA ARG B 441 -2.71 29.64 1.70
C ARG B 441 -1.27 30.15 1.49
N LYS B 442 -0.80 30.93 2.46
CA LYS B 442 0.50 31.62 2.37
C LYS B 442 1.69 30.65 2.56
N PRO B 443 2.87 30.95 1.96
CA PRO B 443 4.08 30.10 2.16
C PRO B 443 4.48 29.99 3.63
N GLY B 444 4.72 28.76 4.09
CA GLY B 444 4.92 28.44 5.51
C GLY B 444 3.67 28.04 6.29
N ASP B 445 2.49 28.05 5.64
CA ASP B 445 1.22 27.60 6.25
C ASP B 445 0.23 26.98 5.22
N ARG B 446 0.80 26.12 4.36
CA ARG B 446 0.07 25.37 3.34
C ARG B 446 -0.35 23.96 3.77
N VAL B 447 0.32 23.36 4.77
CA VAL B 447 0.02 22.01 5.27
C VAL B 447 -1.26 22.07 6.12
N VAL B 448 -2.40 21.67 5.54
CA VAL B 448 -3.71 21.59 6.28
C VAL B 448 -4.00 20.24 6.96
N LYS B 449 -3.32 19.17 6.55
CA LYS B 449 -3.45 17.84 7.16
C LYS B 449 -2.13 17.07 7.04
N LEU B 450 -1.73 16.37 8.09
CA LEU B 450 -0.48 15.62 8.14
C LEU B 450 -0.64 14.49 9.16
N ASP B 451 -0.95 13.29 8.63
CA ASP B 451 -1.17 12.08 9.40
C ASP B 451 -0.04 11.10 9.08
N VAL B 452 0.45 10.40 10.09
CA VAL B 452 1.63 9.53 9.97
C VAL B 452 1.35 8.19 10.62
N LEU B 453 2.03 7.14 10.15
CA LEU B 453 1.88 5.80 10.77
C LEU B 453 2.41 5.81 12.19
N CYS B 454 1.60 5.33 13.12
CA CYS B 454 1.95 5.31 14.54
C CYS B 454 3.04 4.26 14.80
N THR B 455 3.71 4.44 15.93
CA THR B 455 4.89 3.64 16.32
C THR B 455 4.54 2.77 17.51
N LYS B 456 4.13 3.40 18.62
CA LYS B 456 3.77 2.71 19.86
C LYS B 456 2.29 2.30 19.80
N CYS B 457 1.98 1.45 18.83
CA CYS B 457 0.64 0.94 18.56
C CYS B 457 0.82 -0.48 18.02
N ARG B 458 -0.14 -1.35 18.32
CA ARG B 458 -0.11 -2.74 17.85
C ARG B 458 -0.47 -2.88 16.37
N VAL B 459 -1.52 -2.16 15.96
CA VAL B 459 -1.97 -2.06 14.57
C VAL B 459 -1.58 -0.66 14.06
N PRO B 460 -0.67 -0.58 13.05
CA PRO B 460 -0.34 0.72 12.46
C PRO B 460 -1.55 1.37 11.77
N SER B 461 -1.83 2.62 12.15
CA SER B 461 -2.81 3.46 11.50
C SER B 461 -2.30 4.89 11.41
N TYR B 462 -2.92 5.67 10.54
CA TYR B 462 -2.53 7.05 10.27
C TYR B 462 -3.21 7.95 11.31
N ASP B 463 -2.40 8.58 12.15
CA ASP B 463 -2.86 9.52 13.17
C ASP B 463 -2.20 10.87 12.92
N PRO B 464 -2.88 11.99 13.30
CA PRO B 464 -2.24 13.30 13.16
C PRO B 464 -0.88 13.39 13.83
N LEU B 465 0.07 13.94 13.10
CA LEU B 465 1.39 14.24 13.62
C LEU B 465 1.26 15.21 14.80
N LYS B 466 1.97 14.91 15.89
CA LYS B 466 2.01 15.76 17.07
C LYS B 466 3.33 16.55 17.01
N MET B 467 3.27 17.85 17.28
CA MET B 467 4.46 18.74 17.22
C MET B 467 5.55 18.35 18.24
N ASP B 468 5.12 17.96 19.45
CA ASP B 468 5.99 17.51 20.55
C ASP B 468 6.44 16.05 20.53
N GLU B 469 5.88 15.21 19.67
CA GLU B 469 6.29 13.79 19.55
C GLU B 469 7.54 13.66 18.69
N VAL B 470 8.19 12.51 18.80
CA VAL B 470 9.42 12.20 18.05
C VAL B 470 9.17 11.00 17.12
N TYR B 471 9.72 11.14 15.91
CA TYR B 471 9.42 10.28 14.77
C TYR B 471 10.69 9.78 14.12
N LYS B 472 10.65 8.54 13.61
CA LYS B 472 11.78 7.93 12.92
C LYS B 472 11.48 7.82 11.42
N VAL B 473 12.36 8.39 10.60
CA VAL B 473 12.13 8.57 9.16
C VAL B 473 13.36 8.06 8.41
N ILE B 474 13.10 7.37 7.29
CA ILE B 474 14.14 6.99 6.34
C ILE B 474 14.13 7.97 5.16
N LEU B 475 15.31 8.43 4.74
CA LEU B 475 15.43 9.49 3.72
C LEU B 475 16.82 9.52 3.07
N PRO B 476 16.96 10.24 1.95
CA PRO B 476 18.29 10.38 1.35
C PRO B 476 19.26 11.11 2.27
N ASN B 477 20.53 10.68 2.26
CA ASN B 477 21.60 11.43 2.96
C ASN B 477 21.70 12.90 2.53
N PHE B 478 21.39 13.17 1.26
CA PHE B 478 21.26 14.53 0.72
C PHE B 478 20.33 15.42 1.57
N LEU B 479 19.17 14.89 1.94
CA LEU B 479 18.23 15.60 2.83
C LEU B 479 18.67 15.59 4.30
N ALA B 480 19.22 14.47 4.78
CA ALA B 480 19.82 14.39 6.15
C ALA B 480 20.91 15.42 6.37
N ASN B 481 21.75 15.62 5.34
CA ASN B 481 22.82 16.65 5.32
C ASN B 481 22.36 18.08 4.97
N GLY B 482 21.05 18.32 4.92
CA GLY B 482 20.49 19.66 4.73
C GLY B 482 20.39 20.18 3.30
N GLY B 483 20.47 19.28 2.32
CA GLY B 483 20.32 19.64 0.89
C GLY B 483 18.91 20.09 0.54
N ASP B 484 18.78 20.75 -0.62
CA ASP B 484 17.50 21.36 -1.08
C ASP B 484 16.87 22.37 -0.10
N GLY B 485 17.72 23.09 0.65
CA GLY B 485 17.27 24.04 1.67
C GLY B 485 16.57 23.44 2.88
N PHE B 486 16.71 22.13 3.12
CA PHE B 486 16.05 21.44 4.25
C PHE B 486 16.94 21.58 5.49
N GLN B 487 17.14 22.84 5.90
CA GLN B 487 18.08 23.22 6.93
C GLN B 487 17.60 22.76 8.29
N MET B 488 16.28 22.84 8.50
CA MET B 488 15.64 22.28 9.70
C MET B 488 16.00 20.82 10.01
N ILE B 489 16.16 19.97 8.98
CA ILE B 489 16.50 18.55 9.18
C ILE B 489 17.91 18.44 9.78
N LYS B 490 18.92 18.96 9.09
CA LYS B 490 20.33 18.96 9.56
C LYS B 490 20.51 19.50 11.00
N ASP B 491 19.88 20.64 11.26
CA ASP B 491 20.05 21.40 12.50
C ASP B 491 19.25 20.83 13.71
N GLU B 492 18.07 20.27 13.44
CA GLU B 492 17.18 19.79 14.50
C GLU B 492 17.13 18.28 14.70
N LEU B 493 17.63 17.46 13.76
CA LEU B 493 17.60 15.97 13.92
C LEU B 493 18.30 15.51 15.22
N LEU B 494 17.80 14.45 15.83
CA LEU B 494 18.27 13.95 17.15
C LEU B 494 19.27 12.80 17.04
N ARG B 495 19.13 11.95 16.03
CA ARG B 495 20.10 10.93 15.64
C ARG B 495 20.14 10.87 14.11
N HIS B 496 21.28 10.42 13.56
CA HIS B 496 21.49 10.23 12.12
C HIS B 496 22.47 9.08 11.90
N ASP B 497 21.98 7.97 11.33
CA ASP B 497 22.80 6.80 10.96
C ASP B 497 22.87 6.68 9.44
N SER B 498 24.04 6.30 8.92
CA SER B 498 24.21 5.92 7.53
C SER B 498 23.54 4.57 7.28
N GLY B 499 22.82 4.47 6.15
CA GLY B 499 22.22 3.22 5.70
C GLY B 499 22.78 2.75 4.38
N ASP B 500 22.01 1.96 3.65
CA ASP B 500 22.48 1.26 2.46
C ASP B 500 22.52 2.13 1.21
N GLN B 501 23.26 1.64 0.22
CA GLN B 501 23.48 2.37 -1.04
C GLN B 501 22.14 2.42 -1.84
N ASP B 502 21.76 3.61 -2.32
CA ASP B 502 20.40 3.86 -2.88
C ASP B 502 19.93 2.92 -3.98
N ILE B 503 20.78 2.74 -4.98
CA ILE B 503 20.48 1.86 -6.13
C ILE B 503 20.43 0.37 -5.72
N ASN B 504 21.33 -0.06 -4.85
CA ASN B 504 21.32 -1.43 -4.32
C ASN B 504 20.02 -1.77 -3.54
N VAL B 505 19.48 -0.79 -2.80
CA VAL B 505 18.20 -0.93 -2.09
C VAL B 505 17.03 -1.18 -3.07
N VAL B 506 16.94 -0.36 -4.13
CA VAL B 506 15.84 -0.46 -5.08
C VAL B 506 15.93 -1.77 -5.91
N SER B 507 17.15 -2.19 -6.27
CA SER B 507 17.33 -3.44 -7.06
C SER B 507 17.01 -4.71 -6.26
N THR B 508 17.44 -4.75 -4.99
CA THR B 508 17.09 -5.82 -4.03
C THR B 508 15.58 -5.98 -3.88
N TYR B 509 14.89 -4.85 -3.68
CA TYR B 509 13.43 -4.80 -3.58
C TYR B 509 12.74 -5.36 -4.84
N ILE B 510 13.21 -4.92 -6.00
CA ILE B 510 12.64 -5.37 -7.29
C ILE B 510 12.88 -6.88 -7.50
N SER B 511 14.08 -7.35 -7.14
CA SER B 511 14.44 -8.78 -7.15
C SER B 511 13.57 -9.64 -6.22
N LYS B 512 13.29 -9.11 -5.04
CA LYS B 512 12.43 -9.76 -4.04
C LYS B 512 10.98 -9.81 -4.52
N MET B 513 10.47 -8.67 -5.00
CA MET B 513 9.09 -8.57 -5.47
C MET B 513 8.82 -9.27 -6.78
N LYS B 514 9.83 -9.35 -7.66
CA LYS B 514 9.72 -9.98 -9.00
C LYS B 514 8.87 -9.15 -9.99
N VAL B 515 7.59 -8.96 -9.68
CA VAL B 515 6.67 -8.10 -10.44
C VAL B 515 6.25 -6.96 -9.54
N ILE B 516 6.45 -5.71 -10.00
CA ILE B 516 6.00 -4.50 -9.27
C ILE B 516 4.86 -3.74 -10.00
N TYR B 517 4.08 -2.99 -9.22
CA TYR B 517 2.88 -2.31 -9.70
C TYR B 517 2.47 -1.14 -8.78
N PRO B 518 3.40 -0.22 -8.50
CA PRO B 518 3.06 0.89 -7.58
C PRO B 518 2.04 1.82 -8.21
N ALA B 519 1.08 2.25 -7.37
CA ALA B 519 0.00 3.15 -7.74
C ALA B 519 0.20 4.55 -7.14
N VAL B 520 -0.55 5.53 -7.66
CA VAL B 520 -0.82 6.81 -7.00
C VAL B 520 -2.02 6.56 -6.09
N GLU B 521 -1.81 6.62 -4.77
CA GLU B 521 -2.75 6.14 -3.73
C GLU B 521 -3.43 7.20 -2.86
N GLY B 522 -3.05 8.47 -3.01
CA GLY B 522 -3.54 9.56 -2.16
C GLY B 522 -2.65 9.90 -0.97
N ARG B 523 -1.36 9.54 -1.05
CA ARG B 523 -0.38 9.92 -0.04
C ARG B 523 -0.15 11.41 0.00
N ILE B 524 -0.19 12.06 -1.17
CA ILE B 524 -0.13 13.51 -1.28
C ILE B 524 -1.40 13.96 -2.00
N LYS B 525 -2.15 14.86 -1.35
CA LYS B 525 -3.35 15.48 -1.91
C LYS B 525 -3.27 17.01 -1.82
N PHE B 526 -4.18 17.65 -2.57
CA PHE B 526 -4.38 19.09 -2.59
C PHE B 526 -5.86 19.37 -2.36
N SER B 527 -6.17 20.33 -1.48
CA SER B 527 -7.56 20.66 -1.12
C SER B 527 -8.13 21.75 -2.02
N HIS B 528 -9.45 21.93 -1.96
CA HIS B 528 -10.19 22.86 -2.83
C HIS B 528 -10.04 24.32 -2.39
N HIS B 529 -10.42 24.59 -1.13
CA HIS B 529 -10.34 25.95 -0.54
C HIS B 529 -10.35 25.87 1.00
#